data_1A5C
#
_entry.id   1A5C
#
_cell.length_a   119.200
_cell.length_b   119.200
_cell.length_c   132.300
_cell.angle_alpha   90.00
_cell.angle_beta   90.00
_cell.angle_gamma   120.00
#
_symmetry.space_group_name_H-M   'P 32 2 1'
#
_entity_poly.entity_id   1
_entity_poly.type   'polypeptide(L)'
_entity_poly.pdbx_seq_one_letter_code
;AHCTEYMNAPKKLPADVAEELATTAQKLVQAGKGILAADESTQTIKKRFDNIKLENTIENRASYRDLLFGTKGLGKFISG
AILFEETLFQKNEAGVPMVNLLHNENIIPGIKVDKGLVNIPCTDEEKSTQGLDGLAERCKEYYKAGARFAKWRTVLVIDT
AKGKPTDLSIHETAWGLARYASICQQNRLVPIVEPEILADGPHSIEVCAVVTQKVLSCVFKALQENGVLLEGALLKPNMV
TAGYECTAKTTTQDVGFLTVRTLRRTVPPALPGVVFLSGGQSEEEASVNLNSINALGPHPWALTFSYGRALQASVLNTWQ
GKKENVAKAREVLLQRAEANSLATYGKYKGGAGGENAGASLYEKKYVY
;
_entity_poly.pdbx_strand_id   A,B
#
# COMPACT_ATOMS: atom_id res chain seq x y z
N LEU A 13 -7.21 -10.08 -18.16
CA LEU A 13 -7.08 -11.28 -17.27
C LEU A 13 -7.26 -12.53 -18.15
N PRO A 14 -6.31 -13.48 -18.07
CA PRO A 14 -6.36 -14.72 -18.86
C PRO A 14 -7.69 -15.45 -18.69
N ALA A 15 -8.35 -15.75 -19.80
CA ALA A 15 -9.64 -16.44 -19.80
C ALA A 15 -9.64 -17.69 -18.91
N ASP A 16 -8.49 -18.33 -18.75
CA ASP A 16 -8.40 -19.53 -17.92
C ASP A 16 -8.51 -19.18 -16.43
N VAL A 17 -7.68 -18.25 -15.98
CA VAL A 17 -7.70 -17.85 -14.59
C VAL A 17 -9.05 -17.24 -14.28
N ALA A 18 -9.55 -16.42 -15.20
CA ALA A 18 -10.85 -15.79 -15.04
C ALA A 18 -11.92 -16.85 -14.78
N GLU A 19 -11.98 -17.84 -15.67
CA GLU A 19 -12.94 -18.94 -15.57
C GLU A 19 -12.80 -19.64 -14.22
N GLU A 20 -11.57 -19.76 -13.75
CA GLU A 20 -11.28 -20.39 -12.47
C GLU A 20 -11.89 -19.56 -11.38
N LEU A 21 -11.60 -18.26 -11.43
CA LEU A 21 -12.10 -17.31 -10.45
C LEU A 21 -13.61 -17.45 -10.30
N ALA A 22 -14.31 -17.27 -11.41
CA ALA A 22 -15.76 -17.38 -11.44
C ALA A 22 -16.25 -18.70 -10.83
N THR A 23 -15.65 -19.81 -11.25
CA THR A 23 -16.03 -21.11 -10.70
C THR A 23 -15.93 -21.17 -9.18
N THR A 24 -14.73 -21.00 -8.63
CA THR A 24 -14.57 -21.04 -7.16
C THR A 24 -15.41 -20.03 -6.40
N ALA A 25 -15.54 -18.83 -6.94
CA ALA A 25 -16.35 -17.81 -6.31
C ALA A 25 -17.78 -18.34 -6.17
N GLN A 26 -18.28 -18.94 -7.25
CA GLN A 26 -19.63 -19.48 -7.25
C GLN A 26 -19.78 -20.72 -6.38
N LYS A 27 -18.72 -21.52 -6.32
CA LYS A 27 -18.71 -22.75 -5.54
C LYS A 27 -18.66 -22.37 -4.07
N LEU A 28 -17.99 -21.27 -3.78
CA LEU A 28 -17.83 -20.77 -2.42
C LEU A 28 -19.14 -20.35 -1.78
N VAL A 29 -20.14 -20.03 -2.58
CA VAL A 29 -21.43 -19.63 -2.04
C VAL A 29 -22.56 -20.47 -2.61
N GLN A 30 -22.29 -21.76 -2.79
CA GLN A 30 -23.32 -22.63 -3.34
C GLN A 30 -24.45 -22.77 -2.35
N ALA A 31 -25.59 -23.20 -2.88
CA ALA A 31 -26.81 -23.36 -2.11
C ALA A 31 -26.66 -24.08 -0.77
N GLY A 32 -27.04 -23.38 0.29
CA GLY A 32 -26.99 -23.97 1.61
C GLY A 32 -25.65 -24.03 2.30
N LYS A 33 -24.64 -23.43 1.72
CA LYS A 33 -23.32 -23.46 2.34
C LYS A 33 -22.74 -22.07 2.57
N GLY A 34 -21.96 -21.94 3.64
CA GLY A 34 -21.30 -20.68 3.97
C GLY A 34 -19.81 -20.90 4.18
N ILE A 35 -19.09 -19.88 4.62
CA ILE A 35 -17.64 -20.02 4.85
C ILE A 35 -17.32 -19.87 6.34
N LEU A 36 -16.50 -20.77 6.86
CA LEU A 36 -16.09 -20.74 8.27
C LEU A 36 -14.80 -19.94 8.28
N ALA A 37 -14.72 -18.91 9.09
CA ALA A 37 -13.50 -18.12 9.15
C ALA A 37 -12.74 -18.56 10.39
N ALA A 38 -11.69 -19.33 10.17
CA ALA A 38 -10.87 -19.83 11.27
C ALA A 38 -9.49 -19.18 11.13
N ASP A 39 -9.47 -17.99 10.55
CA ASP A 39 -8.24 -17.27 10.27
C ASP A 39 -7.73 -16.37 11.36
N GLU A 40 -8.09 -16.65 12.61
CA GLU A 40 -7.61 -15.82 13.71
C GLU A 40 -6.09 -15.91 13.83
N SER A 41 -5.45 -14.75 13.93
CA SER A 41 -4.01 -14.68 14.08
C SER A 41 -3.65 -15.14 15.49
N THR A 42 -2.36 -15.40 15.72
CA THR A 42 -1.89 -15.85 17.02
C THR A 42 -2.34 -14.94 18.14
N GLN A 43 -2.54 -13.65 17.82
CA GLN A 43 -2.97 -12.64 18.79
C GLN A 43 -4.45 -12.78 19.13
N THR A 44 -5.29 -12.65 18.10
CA THR A 44 -6.75 -12.73 18.25
C THR A 44 -7.20 -14.05 18.83
N ILE A 45 -6.64 -15.14 18.32
CA ILE A 45 -7.02 -16.45 18.82
C ILE A 45 -6.69 -16.56 20.31
N LYS A 46 -5.68 -15.82 20.75
CA LYS A 46 -5.31 -15.83 22.15
C LYS A 46 -6.54 -15.35 22.89
N LYS A 47 -7.15 -14.28 22.40
CA LYS A 47 -8.35 -13.70 23.00
C LYS A 47 -9.45 -14.75 23.13
N ARG A 48 -9.67 -15.47 22.04
CA ARG A 48 -10.68 -16.52 21.99
C ARG A 48 -10.40 -17.60 23.03
N PHE A 49 -9.14 -18.05 23.07
CA PHE A 49 -8.69 -19.08 23.99
C PHE A 49 -8.78 -18.68 25.46
N ASP A 50 -8.49 -17.41 25.74
CA ASP A 50 -8.52 -16.88 27.10
C ASP A 50 -9.85 -17.08 27.77
N ASN A 51 -10.92 -16.96 26.99
CA ASN A 51 -12.27 -17.13 27.52
C ASN A 51 -12.52 -18.51 28.09
N ILE A 52 -11.78 -19.49 27.57
CA ILE A 52 -11.88 -20.85 28.09
C ILE A 52 -10.61 -21.19 28.88
N LYS A 53 -9.83 -20.16 29.17
CA LYS A 53 -8.57 -20.27 29.91
C LYS A 53 -7.60 -21.27 29.31
N LEU A 54 -7.54 -21.30 27.98
CA LEU A 54 -6.65 -22.20 27.26
C LEU A 54 -5.31 -21.52 27.02
N GLU A 55 -4.23 -22.30 27.12
CA GLU A 55 -2.88 -21.77 26.89
C GLU A 55 -2.72 -21.64 25.37
N ASN A 56 -2.28 -20.47 24.91
CA ASN A 56 -2.12 -20.21 23.48
C ASN A 56 -0.92 -20.92 22.85
N THR A 57 -0.79 -22.20 23.17
CA THR A 57 0.30 -23.00 22.67
C THR A 57 0.02 -23.34 21.19
N ILE A 58 1.07 -23.72 20.48
CA ILE A 58 0.96 -24.10 19.08
C ILE A 58 0.17 -25.42 19.03
N GLU A 59 0.36 -26.24 20.05
CA GLU A 59 -0.32 -27.52 20.16
C GLU A 59 -1.81 -27.31 20.34
N ASN A 60 -2.16 -26.36 21.19
CA ASN A 60 -3.56 -26.04 21.48
C ASN A 60 -4.28 -25.54 20.25
N ARG A 61 -3.62 -24.65 19.51
CA ARG A 61 -4.21 -24.12 18.30
C ARG A 61 -4.41 -25.26 17.29
N ALA A 62 -3.36 -26.05 17.09
CA ALA A 62 -3.43 -27.15 16.15
C ALA A 62 -4.56 -28.11 16.52
N SER A 63 -4.73 -28.37 17.82
CA SER A 63 -5.79 -29.26 18.28
C SER A 63 -7.13 -28.64 17.92
N TYR A 64 -7.24 -27.32 18.08
CA TYR A 64 -8.45 -26.59 17.78
C TYR A 64 -8.82 -26.63 16.30
N ARG A 65 -7.93 -26.14 15.45
CA ARG A 65 -8.17 -26.11 14.01
C ARG A 65 -8.49 -27.54 13.52
N ASP A 66 -7.89 -28.53 14.17
CA ASP A 66 -8.12 -29.92 13.84
C ASP A 66 -9.53 -30.31 14.28
N LEU A 67 -9.99 -29.76 15.39
CA LEU A 67 -11.34 -30.05 15.89
C LEU A 67 -12.37 -29.54 14.90
N LEU A 68 -12.18 -28.33 14.41
CA LEU A 68 -13.13 -27.76 13.46
C LEU A 68 -13.10 -28.52 12.14
N PHE A 69 -11.96 -28.48 11.47
CA PHE A 69 -11.76 -29.10 10.16
C PHE A 69 -11.95 -30.62 10.11
N GLY A 70 -11.87 -31.26 11.26
CA GLY A 70 -12.02 -32.71 11.29
C GLY A 70 -13.44 -33.17 11.48
N THR A 71 -14.32 -32.26 11.90
CA THR A 71 -15.73 -32.57 12.12
C THR A 71 -16.35 -33.23 10.90
N LYS A 72 -16.58 -34.54 10.99
CA LYS A 72 -17.19 -35.28 9.90
C LYS A 72 -18.59 -34.73 9.61
N GLY A 73 -18.82 -34.35 8.36
CA GLY A 73 -20.12 -33.80 7.98
C GLY A 73 -20.10 -32.30 7.78
N LEU A 74 -19.03 -31.65 8.22
CA LEU A 74 -18.91 -30.20 8.10
C LEU A 74 -18.93 -29.73 6.63
N GLY A 75 -18.62 -30.64 5.71
CA GLY A 75 -18.61 -30.30 4.30
C GLY A 75 -19.95 -29.99 3.67
N LYS A 76 -21.05 -30.31 4.35
CA LYS A 76 -22.35 -30.01 3.79
C LYS A 76 -22.79 -28.58 4.11
N PHE A 77 -22.35 -28.05 5.24
CA PHE A 77 -22.73 -26.71 5.64
C PHE A 77 -21.67 -25.66 5.36
N ILE A 78 -20.46 -26.12 5.05
CA ILE A 78 -19.35 -25.22 4.80
C ILE A 78 -18.78 -25.43 3.40
N SER A 79 -18.64 -24.34 2.66
CA SER A 79 -18.09 -24.39 1.31
C SER A 79 -16.59 -24.15 1.34
N GLY A 80 -16.15 -23.28 2.23
CA GLY A 80 -14.74 -22.97 2.33
C GLY A 80 -14.43 -22.49 3.72
N ALA A 81 -13.17 -22.63 4.12
CA ALA A 81 -12.71 -22.20 5.44
C ALA A 81 -11.55 -21.24 5.26
N ILE A 82 -11.67 -20.04 5.81
CA ILE A 82 -10.62 -19.06 5.71
C ILE A 82 -9.57 -19.42 6.76
N LEU A 83 -8.37 -19.77 6.29
CA LEU A 83 -7.25 -20.18 7.14
C LEU A 83 -6.22 -19.07 7.36
N PHE A 84 -5.57 -19.13 8.52
CA PHE A 84 -4.51 -18.20 8.87
C PHE A 84 -3.22 -18.87 8.35
N GLU A 85 -2.24 -18.08 7.92
CA GLU A 85 -0.98 -18.62 7.40
C GLU A 85 -0.51 -19.92 8.07
N GLU A 86 -0.22 -19.84 9.36
CA GLU A 86 0.22 -20.98 10.14
C GLU A 86 -0.55 -22.23 9.78
N THR A 87 -1.84 -22.21 10.12
CA THR A 87 -2.73 -23.33 9.89
C THR A 87 -2.71 -23.80 8.45
N LEU A 88 -2.53 -22.89 7.50
CA LEU A 88 -2.50 -23.28 6.09
C LEU A 88 -1.34 -24.22 5.82
N PHE A 89 -0.24 -24.05 6.56
CA PHE A 89 0.93 -24.89 6.36
C PHE A 89 1.18 -25.95 7.43
N GLN A 90 0.39 -25.99 8.49
CA GLN A 90 0.63 -26.97 9.53
C GLN A 90 -0.14 -28.28 9.40
N LYS A 91 0.16 -29.19 10.31
CA LYS A 91 -0.46 -30.52 10.37
C LYS A 91 -0.95 -30.66 11.80
N ASN A 92 -1.75 -31.69 12.05
CA ASN A 92 -2.24 -31.93 13.39
C ASN A 92 -1.25 -32.85 14.08
N GLU A 93 -1.56 -33.24 15.31
CA GLU A 93 -0.69 -34.13 16.07
C GLU A 93 -0.29 -35.40 15.30
N ALA A 94 -1.25 -36.02 14.60
CA ALA A 94 -0.98 -37.25 13.86
C ALA A 94 -0.40 -37.04 12.47
N GLY A 95 0.26 -35.90 12.28
CA GLY A 95 0.88 -35.62 11.00
C GLY A 95 0.00 -35.29 9.82
N VAL A 96 -1.32 -35.26 10.02
CA VAL A 96 -2.25 -34.95 8.94
C VAL A 96 -2.25 -33.45 8.73
N PRO A 97 -1.85 -33.00 7.54
CA PRO A 97 -1.81 -31.58 7.21
C PRO A 97 -3.23 -31.02 7.30
N MET A 98 -3.37 -29.81 7.85
CA MET A 98 -4.69 -29.21 7.99
C MET A 98 -5.48 -29.14 6.69
N VAL A 99 -4.87 -28.67 5.59
CA VAL A 99 -5.63 -28.60 4.34
C VAL A 99 -6.18 -29.95 3.88
N ASN A 100 -5.56 -31.04 4.32
CA ASN A 100 -6.06 -32.36 3.94
C ASN A 100 -7.36 -32.66 4.70
N LEU A 101 -7.46 -32.22 5.96
CA LEU A 101 -8.67 -32.44 6.74
C LEU A 101 -9.82 -31.75 6.03
N LEU A 102 -9.54 -30.60 5.44
CA LEU A 102 -10.55 -29.84 4.71
C LEU A 102 -10.96 -30.64 3.48
N HIS A 103 -9.97 -31.05 2.69
CA HIS A 103 -10.22 -31.82 1.47
C HIS A 103 -11.11 -33.02 1.77
N ASN A 104 -10.83 -33.66 2.90
CA ASN A 104 -11.58 -34.82 3.35
C ASN A 104 -13.05 -34.52 3.35
N GLU A 105 -13.40 -33.35 3.91
CA GLU A 105 -14.80 -32.92 3.99
C GLU A 105 -15.20 -31.97 2.86
N ASN A 106 -14.44 -32.01 1.78
CA ASN A 106 -14.68 -31.18 0.60
C ASN A 106 -14.76 -29.68 0.83
N ILE A 107 -14.09 -29.20 1.88
CA ILE A 107 -14.08 -27.78 2.18
C ILE A 107 -12.90 -27.16 1.45
N ILE A 108 -13.13 -25.97 0.86
CA ILE A 108 -12.10 -25.25 0.12
C ILE A 108 -11.21 -24.45 1.05
N PRO A 109 -9.88 -24.60 0.94
CA PRO A 109 -8.95 -23.87 1.78
C PRO A 109 -8.83 -22.41 1.34
N GLY A 110 -8.90 -21.52 2.31
CA GLY A 110 -8.78 -20.10 2.03
C GLY A 110 -7.67 -19.55 2.90
N ILE A 111 -7.19 -18.35 2.59
CA ILE A 111 -6.10 -17.79 3.37
C ILE A 111 -6.17 -16.28 3.58
N LYS A 112 -6.08 -15.84 4.83
CA LYS A 112 -6.10 -14.41 5.14
C LYS A 112 -4.75 -13.90 4.65
N VAL A 113 -4.76 -12.86 3.82
CA VAL A 113 -3.51 -12.35 3.27
C VAL A 113 -3.18 -10.89 3.57
N ASP A 114 -3.80 -10.31 4.59
CA ASP A 114 -3.49 -8.92 4.92
C ASP A 114 -2.64 -8.88 6.18
N LYS A 115 -1.67 -7.98 6.20
CA LYS A 115 -0.78 -7.87 7.34
C LYS A 115 -1.21 -7.01 8.52
N GLY A 116 -2.53 -6.81 8.68
CA GLY A 116 -3.06 -6.04 9.80
C GLY A 116 -3.43 -4.58 9.65
N LEU A 117 -4.08 -4.06 10.70
CA LEU A 117 -4.55 -2.68 10.74
C LEU A 117 -3.59 -1.71 11.41
N VAL A 118 -3.36 -0.58 10.77
CA VAL A 118 -2.51 0.46 11.32
C VAL A 118 -3.35 1.73 11.21
N ASN A 119 -2.88 2.84 11.74
CA ASN A 119 -3.67 4.05 11.69
C ASN A 119 -3.34 4.92 10.50
N ILE A 120 -4.28 5.78 10.15
CA ILE A 120 -4.08 6.70 9.06
C ILE A 120 -3.65 8.00 9.73
N PRO A 121 -2.48 8.51 9.35
CA PRO A 121 -2.00 9.76 9.94
C PRO A 121 -2.93 10.89 9.51
N CYS A 122 -3.33 11.68 10.49
CA CYS A 122 -4.22 12.82 10.24
C CYS A 122 -5.71 12.45 10.19
N THR A 123 -6.08 11.46 10.99
CA THR A 123 -7.46 10.99 11.13
C THR A 123 -7.52 10.55 12.60
N ASP A 124 -8.69 10.59 13.22
CA ASP A 124 -8.77 10.19 14.62
C ASP A 124 -8.65 8.67 14.84
N GLU A 125 -7.44 8.17 14.59
CA GLU A 125 -7.14 6.74 14.75
C GLU A 125 -8.03 5.85 13.93
N GLU A 126 -8.03 6.09 12.63
CA GLU A 126 -8.83 5.27 11.74
C GLU A 126 -7.85 4.35 11.04
N LYS A 127 -8.25 3.09 10.94
CA LYS A 127 -7.40 2.05 10.38
C LYS A 127 -7.06 2.10 8.89
N SER A 128 -5.99 1.39 8.57
CA SER A 128 -5.48 1.20 7.22
C SER A 128 -5.00 -0.24 7.27
N THR A 129 -5.12 -0.96 6.16
CA THR A 129 -4.72 -2.35 6.15
C THR A 129 -3.45 -2.64 5.35
N GLN A 130 -2.48 -3.20 6.05
CA GLN A 130 -1.18 -3.55 5.48
C GLN A 130 -1.26 -4.90 4.78
N GLY A 131 -0.37 -5.12 3.81
CA GLY A 131 -0.35 -6.38 3.09
C GLY A 131 0.07 -6.32 1.63
N LEU A 132 -0.20 -5.21 0.96
CA LEU A 132 0.13 -5.09 -0.46
C LEU A 132 1.53 -5.45 -0.82
N ASP A 133 2.49 -5.10 0.05
CA ASP A 133 3.91 -5.38 -0.20
C ASP A 133 4.19 -6.87 -0.19
N GLY A 134 4.54 -7.42 -1.33
CA GLY A 134 4.84 -8.84 -1.39
C GLY A 134 3.65 -9.75 -1.56
N LEU A 135 2.44 -9.20 -1.41
CA LEU A 135 1.21 -9.97 -1.56
C LEU A 135 1.22 -10.93 -2.76
N ALA A 136 1.64 -10.43 -3.93
CA ALA A 136 1.67 -11.25 -5.15
C ALA A 136 2.50 -12.52 -5.02
N GLU A 137 3.66 -12.39 -4.39
CA GLU A 137 4.54 -13.53 -4.19
C GLU A 137 3.86 -14.49 -3.21
N ARG A 138 3.33 -13.95 -2.11
CA ARG A 138 2.66 -14.76 -1.10
C ARG A 138 1.50 -15.54 -1.69
N CYS A 139 0.71 -14.88 -2.53
CA CYS A 139 -0.42 -15.51 -3.17
C CYS A 139 0.02 -16.84 -3.81
N LYS A 140 1.04 -16.79 -4.66
CA LYS A 140 1.56 -18.00 -5.33
C LYS A 140 1.95 -19.02 -4.29
N GLU A 141 2.65 -18.55 -3.26
CA GLU A 141 3.09 -19.39 -2.16
C GLU A 141 1.88 -20.15 -1.62
N TYR A 142 0.80 -19.42 -1.37
CA TYR A 142 -0.42 -20.00 -0.84
C TYR A 142 -1.15 -20.94 -1.80
N TYR A 143 -1.22 -20.56 -3.07
CA TYR A 143 -1.91 -21.39 -4.05
C TYR A 143 -1.25 -22.76 -4.05
N LYS A 144 0.09 -22.76 -4.06
CA LYS A 144 0.88 -23.98 -4.03
C LYS A 144 0.55 -24.80 -2.78
N ALA A 145 0.23 -24.10 -1.69
CA ALA A 145 -0.14 -24.75 -0.43
C ALA A 145 -1.53 -25.36 -0.54
N GLY A 146 -2.27 -24.97 -1.60
CA GLY A 146 -3.60 -25.48 -1.83
C GLY A 146 -4.75 -24.55 -1.47
N ALA A 147 -4.47 -23.26 -1.42
CA ALA A 147 -5.49 -22.29 -1.08
C ALA A 147 -6.12 -21.78 -2.37
N ARG A 148 -7.42 -21.49 -2.35
CA ARG A 148 -8.08 -21.00 -3.56
C ARG A 148 -8.68 -19.60 -3.47
N PHE A 149 -8.98 -19.14 -2.25
CA PHE A 149 -9.53 -17.80 -2.06
C PHE A 149 -8.80 -17.07 -0.93
N ALA A 150 -8.82 -15.75 -0.97
CA ALA A 150 -8.13 -14.96 0.02
C ALA A 150 -9.10 -13.99 0.67
N LYS A 151 -8.65 -13.38 1.76
CA LYS A 151 -9.43 -12.42 2.51
C LYS A 151 -8.52 -11.31 2.98
N TRP A 152 -9.05 -10.10 3.02
CA TRP A 152 -8.30 -8.92 3.44
C TRP A 152 -9.31 -8.09 4.18
N ARG A 153 -9.10 -7.85 5.47
CA ARG A 153 -10.07 -7.10 6.27
C ARG A 153 -9.74 -5.63 6.56
N THR A 154 -10.73 -4.77 6.37
CA THR A 154 -10.59 -3.35 6.65
C THR A 154 -11.62 -3.01 7.73
N VAL A 155 -11.40 -1.92 8.46
CA VAL A 155 -12.29 -1.51 9.53
C VAL A 155 -12.67 -0.05 9.44
N LEU A 156 -13.95 0.23 9.27
CA LEU A 156 -14.45 1.59 9.21
C LEU A 156 -15.26 1.76 10.49
N VAL A 157 -15.41 3.00 10.94
CA VAL A 157 -16.12 3.27 12.18
C VAL A 157 -17.07 4.45 12.03
N ILE A 158 -18.27 4.31 12.58
CA ILE A 158 -19.29 5.34 12.49
C ILE A 158 -19.25 6.18 13.75
N ASP A 159 -19.27 7.50 13.58
CA ASP A 159 -19.27 8.44 14.70
C ASP A 159 -19.72 9.77 14.12
N THR A 160 -21.03 9.91 14.04
CA THR A 160 -21.67 11.10 13.50
C THR A 160 -21.11 12.38 14.11
N ALA A 161 -20.82 12.33 15.42
CA ALA A 161 -20.28 13.48 16.12
C ALA A 161 -18.89 13.89 15.58
N LYS A 162 -18.00 12.92 15.45
CA LYS A 162 -16.64 13.15 14.97
C LYS A 162 -16.54 12.96 13.46
N GLY A 163 -17.70 12.89 12.80
CA GLY A 163 -17.73 12.73 11.36
C GLY A 163 -17.09 11.47 10.82
N LYS A 164 -17.17 10.37 11.55
CA LYS A 164 -16.59 9.11 11.08
C LYS A 164 -17.66 8.20 10.48
N PRO A 165 -17.33 7.43 9.44
CA PRO A 165 -16.03 7.34 8.77
C PRO A 165 -15.72 8.47 7.80
N THR A 166 -14.59 9.13 8.01
CA THR A 166 -14.16 10.22 7.15
C THR A 166 -13.96 9.74 5.71
N ASP A 167 -13.87 10.68 4.79
CA ASP A 167 -13.69 10.33 3.40
C ASP A 167 -12.35 9.66 3.17
N LEU A 168 -11.34 10.05 3.94
CA LEU A 168 -10.00 9.47 3.84
C LEU A 168 -10.10 8.01 4.25
N SER A 169 -10.86 7.74 5.29
CA SER A 169 -11.03 6.38 5.74
C SER A 169 -11.70 5.59 4.59
N ILE A 170 -12.81 6.13 4.10
CA ILE A 170 -13.54 5.48 3.04
C ILE A 170 -12.71 5.32 1.76
N HIS A 171 -12.01 6.38 1.35
CA HIS A 171 -11.18 6.30 0.16
C HIS A 171 -10.06 5.30 0.34
N GLU A 172 -9.40 5.36 1.48
CA GLU A 172 -8.31 4.43 1.78
C GLU A 172 -8.82 2.99 1.68
N THR A 173 -9.93 2.70 2.37
CA THR A 173 -10.50 1.36 2.34
C THR A 173 -10.88 0.92 0.93
N ALA A 174 -11.43 1.84 0.15
CA ALA A 174 -11.85 1.57 -1.21
C ALA A 174 -10.67 1.15 -2.08
N TRP A 175 -9.63 1.98 -2.11
CA TRP A 175 -8.44 1.73 -2.90
C TRP A 175 -7.63 0.53 -2.45
N GLY A 176 -7.48 0.37 -1.15
CA GLY A 176 -6.73 -0.75 -0.62
C GLY A 176 -7.33 -2.05 -1.09
N LEU A 177 -8.58 -2.30 -0.69
CA LEU A 177 -9.30 -3.51 -1.06
C LEU A 177 -9.16 -3.72 -2.56
N ALA A 178 -9.41 -2.66 -3.33
CA ALA A 178 -9.31 -2.74 -4.77
C ALA A 178 -7.95 -3.29 -5.19
N ARG A 179 -6.87 -2.62 -4.78
CA ARG A 179 -5.50 -3.04 -5.13
C ARG A 179 -5.33 -4.52 -4.79
N TYR A 180 -5.61 -4.87 -3.54
CA TYR A 180 -5.50 -6.24 -3.07
C TYR A 180 -6.23 -7.23 -3.98
N ALA A 181 -7.51 -6.97 -4.22
CA ALA A 181 -8.36 -7.83 -5.04
C ALA A 181 -7.81 -8.05 -6.45
N SER A 182 -7.30 -6.98 -7.09
CA SER A 182 -6.74 -7.07 -8.44
C SER A 182 -5.53 -7.97 -8.45
N ILE A 183 -4.80 -8.01 -7.35
CA ILE A 183 -3.61 -8.86 -7.23
C ILE A 183 -3.98 -10.33 -7.07
N CYS A 184 -4.84 -10.64 -6.09
CA CYS A 184 -5.25 -12.02 -5.83
C CYS A 184 -5.76 -12.72 -7.10
N GLN A 185 -6.63 -12.03 -7.81
CA GLN A 185 -7.18 -12.59 -9.02
C GLN A 185 -6.06 -12.97 -9.99
N GLN A 186 -5.07 -12.09 -10.13
CA GLN A 186 -3.93 -12.35 -11.03
C GLN A 186 -3.30 -13.67 -10.66
N ASN A 187 -3.31 -13.96 -9.37
CA ASN A 187 -2.70 -15.17 -8.85
C ASN A 187 -3.66 -16.30 -8.52
N ARG A 188 -4.64 -16.51 -9.39
CA ARG A 188 -5.64 -17.57 -9.25
C ARG A 188 -6.35 -17.64 -7.88
N LEU A 189 -6.46 -16.52 -7.18
CA LEU A 189 -7.14 -16.51 -5.89
C LEU A 189 -8.34 -15.56 -5.90
N VAL A 190 -9.52 -16.07 -5.51
CA VAL A 190 -10.74 -15.27 -5.46
C VAL A 190 -10.64 -14.37 -4.23
N PRO A 191 -10.84 -13.05 -4.41
CA PRO A 191 -10.75 -12.13 -3.28
C PRO A 191 -12.06 -11.87 -2.54
N ILE A 192 -12.01 -11.99 -1.22
CA ILE A 192 -13.17 -11.70 -0.40
C ILE A 192 -12.97 -10.25 0.05
N VAL A 193 -13.62 -9.29 -0.62
CA VAL A 193 -13.50 -7.88 -0.27
C VAL A 193 -14.27 -7.57 1.01
N GLU A 194 -13.56 -7.37 2.12
CA GLU A 194 -14.18 -7.11 3.41
C GLU A 194 -14.07 -5.70 3.99
N PRO A 195 -15.06 -4.85 3.71
CA PRO A 195 -15.05 -3.47 4.23
C PRO A 195 -15.98 -3.43 5.43
N GLU A 196 -15.49 -3.89 6.57
CA GLU A 196 -16.30 -3.92 7.78
C GLU A 196 -16.47 -2.57 8.44
N ILE A 197 -17.72 -2.23 8.74
CA ILE A 197 -18.04 -0.99 9.43
C ILE A 197 -18.50 -1.42 10.82
N LEU A 198 -17.79 -0.98 11.84
CA LEU A 198 -18.09 -1.37 13.21
C LEU A 198 -19.35 -0.76 13.84
N ALA A 199 -20.16 -1.64 14.42
CA ALA A 199 -21.41 -1.31 15.09
C ALA A 199 -21.20 -0.46 16.32
N ASP A 200 -19.95 -0.23 16.67
CA ASP A 200 -19.62 0.55 17.85
C ASP A 200 -20.25 1.93 17.78
N GLY A 201 -20.80 2.37 18.90
CA GLY A 201 -21.41 3.68 18.97
C GLY A 201 -22.92 3.72 19.21
N PRO A 202 -23.47 4.92 19.38
CA PRO A 202 -24.90 5.16 19.60
C PRO A 202 -25.68 5.43 18.30
N HIS A 203 -25.07 5.17 17.14
CA HIS A 203 -25.74 5.40 15.86
C HIS A 203 -26.90 4.43 15.73
N SER A 204 -27.94 4.82 14.98
CA SER A 204 -29.13 4.00 14.77
C SER A 204 -29.00 3.17 13.50
N ILE A 205 -29.86 2.15 13.38
CA ILE A 205 -29.85 1.26 12.22
C ILE A 205 -30.10 1.99 10.89
N GLU A 206 -30.65 3.20 10.95
CA GLU A 206 -30.88 3.98 9.74
C GLU A 206 -29.52 4.54 9.28
N VAL A 207 -28.77 5.09 10.23
CA VAL A 207 -27.44 5.65 9.94
C VAL A 207 -26.55 4.57 9.39
N CYS A 208 -26.63 3.40 10.00
CA CYS A 208 -25.81 2.29 9.56
C CYS A 208 -26.09 1.97 8.10
N ALA A 209 -27.36 1.97 7.73
CA ALA A 209 -27.76 1.70 6.35
C ALA A 209 -27.18 2.77 5.44
N VAL A 210 -27.28 4.02 5.86
CA VAL A 210 -26.77 5.14 5.08
C VAL A 210 -25.27 5.05 4.88
N VAL A 211 -24.55 4.87 5.98
CA VAL A 211 -23.10 4.78 5.94
C VAL A 211 -22.67 3.54 5.15
N THR A 212 -23.31 2.41 5.42
CA THR A 212 -23.00 1.16 4.73
C THR A 212 -23.21 1.27 3.22
N GLN A 213 -24.22 2.04 2.83
CA GLN A 213 -24.54 2.23 1.42
C GLN A 213 -23.46 3.07 0.74
N LYS A 214 -23.05 4.15 1.42
CA LYS A 214 -22.01 5.07 0.94
C LYS A 214 -20.69 4.34 0.70
N VAL A 215 -20.28 3.59 1.72
CA VAL A 215 -19.04 2.82 1.69
C VAL A 215 -19.03 1.82 0.56
N LEU A 216 -20.06 0.98 0.47
CA LEU A 216 -20.13 -0.03 -0.59
C LEU A 216 -20.08 0.62 -1.97
N SER A 217 -20.71 1.80 -2.08
CA SER A 217 -20.74 2.55 -3.31
C SER A 217 -19.32 2.86 -3.74
N CYS A 218 -18.54 3.40 -2.81
CA CYS A 218 -17.16 3.75 -3.04
C CYS A 218 -16.34 2.52 -3.37
N VAL A 219 -16.54 1.47 -2.57
CA VAL A 219 -15.81 0.20 -2.73
C VAL A 219 -15.90 -0.32 -4.15
N PHE A 220 -17.12 -0.62 -4.59
CA PHE A 220 -17.31 -1.14 -5.92
C PHE A 220 -16.77 -0.19 -6.99
N LYS A 221 -16.84 1.12 -6.74
CA LYS A 221 -16.32 2.06 -7.73
C LYS A 221 -14.82 1.84 -7.88
N ALA A 222 -14.12 1.67 -6.76
CA ALA A 222 -12.69 1.44 -6.76
C ALA A 222 -12.39 0.14 -7.49
N LEU A 223 -13.18 -0.90 -7.20
CA LEU A 223 -13.02 -2.22 -7.84
C LEU A 223 -13.07 -2.05 -9.36
N GLN A 224 -13.99 -1.20 -9.81
CA GLN A 224 -14.16 -0.93 -11.23
C GLN A 224 -12.88 -0.30 -11.75
N GLU A 225 -12.44 0.77 -11.08
CA GLU A 225 -11.23 1.49 -11.46
C GLU A 225 -9.98 0.60 -11.60
N ASN A 226 -9.84 -0.37 -10.71
CA ASN A 226 -8.68 -1.26 -10.73
C ASN A 226 -8.84 -2.46 -11.65
N GLY A 227 -10.08 -2.76 -12.01
CA GLY A 227 -10.33 -3.87 -12.91
C GLY A 227 -10.51 -5.19 -12.20
N VAL A 228 -11.19 -5.17 -11.06
CA VAL A 228 -11.44 -6.40 -10.32
C VAL A 228 -12.61 -7.11 -10.99
N LEU A 229 -12.41 -8.36 -11.41
CA LEU A 229 -13.46 -9.15 -12.03
C LEU A 229 -14.51 -9.48 -10.96
N LEU A 230 -15.63 -8.76 -10.96
CA LEU A 230 -16.67 -9.00 -9.96
C LEU A 230 -17.14 -10.44 -9.93
N GLU A 231 -17.25 -11.03 -11.11
CA GLU A 231 -17.67 -12.41 -11.28
C GLU A 231 -16.74 -13.45 -10.61
N GLY A 232 -15.53 -13.00 -10.28
CA GLY A 232 -14.57 -13.89 -9.62
C GLY A 232 -14.15 -13.23 -8.33
N ALA A 233 -15.13 -12.66 -7.62
CA ALA A 233 -14.91 -11.96 -6.35
C ALA A 233 -16.10 -12.13 -5.42
N LEU A 234 -15.89 -11.81 -4.14
CA LEU A 234 -16.93 -11.90 -3.13
C LEU A 234 -16.83 -10.69 -2.23
N LEU A 235 -17.96 -10.29 -1.64
CA LEU A 235 -18.02 -9.15 -0.75
C LEU A 235 -18.36 -9.67 0.64
N LYS A 236 -17.72 -9.14 1.67
CA LYS A 236 -17.99 -9.54 3.05
C LYS A 236 -18.32 -8.29 3.84
N PRO A 237 -19.56 -7.79 3.71
CA PRO A 237 -19.95 -6.58 4.43
C PRO A 237 -20.62 -6.88 5.74
N ASN A 238 -20.77 -5.83 6.53
CA ASN A 238 -21.42 -5.92 7.82
C ASN A 238 -22.91 -5.81 7.50
N MET A 239 -23.73 -6.51 8.26
CA MET A 239 -25.16 -6.44 8.07
C MET A 239 -25.55 -5.06 8.60
N VAL A 240 -26.67 -4.53 8.15
CA VAL A 240 -27.12 -3.24 8.64
C VAL A 240 -27.76 -3.46 10.00
N THR A 241 -27.15 -2.88 11.04
CA THR A 241 -27.64 -3.01 12.40
C THR A 241 -27.42 -1.73 13.18
N ALA A 242 -28.13 -1.61 14.30
CA ALA A 242 -28.04 -0.45 15.17
C ALA A 242 -26.71 -0.45 15.86
N GLY A 243 -26.32 0.72 16.37
CA GLY A 243 -25.06 0.82 17.08
C GLY A 243 -25.18 0.08 18.40
N TYR A 244 -24.05 -0.40 18.92
CA TYR A 244 -24.03 -1.14 20.18
C TYR A 244 -24.73 -0.39 21.30
N GLU A 245 -24.72 0.94 21.23
CA GLU A 245 -25.33 1.77 22.27
C GLU A 245 -26.77 2.19 22.01
N CYS A 246 -27.25 2.03 20.78
CA CYS A 246 -28.60 2.46 20.46
C CYS A 246 -29.69 1.68 21.18
N THR A 247 -30.33 2.38 22.12
CA THR A 247 -31.41 1.86 22.94
C THR A 247 -32.70 1.57 22.17
N ALA A 248 -32.86 2.25 21.04
CA ALA A 248 -34.04 2.07 20.19
C ALA A 248 -34.12 0.61 19.75
N LYS A 249 -35.14 -0.07 20.24
CA LYS A 249 -35.35 -1.48 19.94
C LYS A 249 -35.72 -1.79 18.50
N THR A 250 -34.72 -2.27 17.76
CA THR A 250 -34.85 -2.62 16.36
C THR A 250 -35.15 -4.11 16.29
N THR A 251 -35.84 -4.55 15.25
CA THR A 251 -36.15 -5.96 15.10
C THR A 251 -35.28 -6.62 14.03
N THR A 252 -35.26 -7.94 14.04
CA THR A 252 -34.49 -8.69 13.07
C THR A 252 -35.00 -8.38 11.67
N GLN A 253 -36.29 -8.05 11.56
CA GLN A 253 -36.89 -7.73 10.27
C GLN A 253 -36.31 -6.46 9.68
N ASP A 254 -36.08 -5.46 10.54
CA ASP A 254 -35.51 -4.19 10.11
C ASP A 254 -34.12 -4.47 9.58
N VAL A 255 -33.37 -5.26 10.35
CA VAL A 255 -32.03 -5.68 10.01
C VAL A 255 -32.06 -6.26 8.60
N GLY A 256 -32.90 -7.27 8.39
CA GLY A 256 -32.99 -7.90 7.08
C GLY A 256 -33.37 -6.93 5.97
N PHE A 257 -34.45 -6.19 6.17
CA PHE A 257 -34.90 -5.24 5.17
C PHE A 257 -33.83 -4.24 4.80
N LEU A 258 -33.47 -3.38 5.76
CA LEU A 258 -32.47 -2.36 5.56
C LEU A 258 -31.20 -2.91 4.91
N THR A 259 -30.80 -4.12 5.30
CA THR A 259 -29.60 -4.70 4.72
C THR A 259 -29.83 -4.99 3.24
N VAL A 260 -30.88 -5.76 2.93
CA VAL A 260 -31.18 -6.10 1.55
C VAL A 260 -31.33 -4.85 0.70
N ARG A 261 -31.93 -3.80 1.26
CA ARG A 261 -32.13 -2.56 0.51
C ARG A 261 -30.80 -1.97 0.10
N THR A 262 -29.96 -1.67 1.09
CA THR A 262 -28.66 -1.07 0.85
C THR A 262 -27.81 -1.90 -0.10
N LEU A 263 -27.98 -3.22 -0.06
CA LEU A 263 -27.23 -4.08 -0.97
C LEU A 263 -27.75 -3.92 -2.39
N ARG A 264 -29.07 -3.99 -2.57
CA ARG A 264 -29.68 -3.84 -3.88
C ARG A 264 -29.31 -2.49 -4.47
N ARG A 265 -29.18 -1.49 -3.59
CA ARG A 265 -28.83 -0.13 -4.00
C ARG A 265 -27.36 0.02 -4.41
N THR A 266 -26.52 -0.97 -4.10
CA THR A 266 -25.09 -0.87 -4.43
C THR A 266 -24.42 -2.02 -5.15
N VAL A 267 -24.73 -3.25 -4.79
CA VAL A 267 -24.07 -4.41 -5.39
C VAL A 267 -24.56 -4.90 -6.76
N PRO A 268 -23.73 -4.76 -7.80
CA PRO A 268 -24.11 -5.21 -9.14
C PRO A 268 -24.34 -6.71 -9.16
N PRO A 269 -25.24 -7.19 -10.03
CA PRO A 269 -25.55 -8.62 -10.16
C PRO A 269 -24.35 -9.49 -10.50
N ALA A 270 -23.30 -8.90 -11.08
CA ALA A 270 -22.09 -9.65 -11.44
C ALA A 270 -21.43 -10.34 -10.25
N LEU A 271 -21.58 -9.75 -9.07
CA LEU A 271 -21.00 -10.29 -7.85
C LEU A 271 -21.78 -11.55 -7.48
N PRO A 272 -21.12 -12.72 -7.51
CA PRO A 272 -21.75 -14.02 -7.20
C PRO A 272 -22.46 -14.14 -5.86
N GLY A 273 -21.87 -13.55 -4.82
CA GLY A 273 -22.49 -13.65 -3.52
C GLY A 273 -21.94 -12.70 -2.48
N VAL A 274 -22.64 -12.63 -1.37
CA VAL A 274 -22.28 -11.78 -0.27
C VAL A 274 -22.18 -12.70 0.94
N VAL A 275 -20.99 -12.79 1.51
CA VAL A 275 -20.76 -13.65 2.67
C VAL A 275 -20.74 -12.76 3.93
N PHE A 276 -21.88 -12.68 4.60
CA PHE A 276 -22.02 -11.84 5.80
C PHE A 276 -21.07 -12.13 6.94
N LEU A 277 -20.81 -11.08 7.72
CA LEU A 277 -19.94 -11.15 8.88
C LEU A 277 -20.74 -10.90 10.17
N SER A 278 -20.60 -11.80 11.15
CA SER A 278 -21.31 -11.67 12.41
C SER A 278 -20.89 -10.49 13.27
N GLY A 279 -19.63 -10.06 13.17
CA GLY A 279 -19.15 -8.94 13.95
C GLY A 279 -19.39 -9.22 15.43
N GLY A 280 -20.17 -8.38 16.09
CA GLY A 280 -20.45 -8.60 17.50
C GLY A 280 -21.78 -9.31 17.80
N GLN A 281 -22.45 -9.81 16.76
CA GLN A 281 -23.73 -10.48 16.94
C GLN A 281 -23.51 -11.80 17.62
N SER A 282 -24.49 -12.24 18.38
CA SER A 282 -24.42 -13.53 19.05
C SER A 282 -24.61 -14.60 18.00
N GLU A 283 -24.32 -15.83 18.36
CA GLU A 283 -24.47 -16.94 17.43
C GLU A 283 -25.87 -17.04 16.89
N GLU A 284 -26.87 -16.87 17.77
CA GLU A 284 -28.24 -16.94 17.32
C GLU A 284 -28.59 -15.72 16.49
N GLU A 285 -28.28 -14.53 17.03
CA GLU A 285 -28.56 -13.28 16.34
C GLU A 285 -28.15 -13.36 14.88
N ALA A 286 -26.94 -13.85 14.64
CA ALA A 286 -26.42 -14.00 13.30
C ALA A 286 -27.27 -14.96 12.46
N SER A 287 -27.68 -16.07 13.06
CA SER A 287 -28.49 -17.07 12.37
C SER A 287 -29.84 -16.48 11.97
N VAL A 288 -30.52 -15.88 12.94
CA VAL A 288 -31.81 -15.26 12.73
C VAL A 288 -31.71 -14.18 11.65
N ASN A 289 -30.93 -13.14 11.91
CA ASN A 289 -30.76 -12.06 10.96
C ASN A 289 -30.45 -12.58 9.57
N LEU A 290 -29.43 -13.43 9.43
CA LEU A 290 -29.08 -13.98 8.12
C LEU A 290 -30.32 -14.57 7.49
N ASN A 291 -31.11 -15.25 8.32
CA ASN A 291 -32.34 -15.90 7.89
C ASN A 291 -33.37 -14.89 7.39
N SER A 292 -33.60 -13.84 8.17
CA SER A 292 -34.56 -12.79 7.83
C SER A 292 -34.17 -12.07 6.56
N ILE A 293 -32.90 -12.16 6.18
CA ILE A 293 -32.44 -11.54 4.94
C ILE A 293 -32.85 -12.40 3.78
N ASN A 294 -32.48 -13.68 3.84
CA ASN A 294 -32.85 -14.60 2.77
C ASN A 294 -34.37 -14.76 2.73
N ALA A 295 -35.00 -14.59 3.88
CA ALA A 295 -36.45 -14.71 3.96
C ALA A 295 -37.10 -13.76 2.97
N LEU A 296 -36.41 -12.65 2.69
CA LEU A 296 -36.91 -11.66 1.75
C LEU A 296 -36.77 -12.09 0.29
N GLY A 297 -37.50 -13.14 -0.08
CA GLY A 297 -37.52 -13.63 -1.44
C GLY A 297 -36.22 -13.75 -2.21
N PRO A 298 -36.32 -14.04 -3.53
CA PRO A 298 -35.21 -14.22 -4.46
C PRO A 298 -34.35 -12.98 -4.63
N HIS A 299 -33.05 -13.14 -4.36
CA HIS A 299 -32.12 -12.03 -4.50
C HIS A 299 -31.22 -12.33 -5.67
N PRO A 300 -30.69 -11.28 -6.32
CA PRO A 300 -29.80 -11.44 -7.47
C PRO A 300 -28.39 -11.99 -7.19
N TRP A 301 -28.06 -12.20 -5.93
CA TRP A 301 -26.76 -12.76 -5.57
C TRP A 301 -26.99 -13.67 -4.37
N ALA A 302 -25.98 -14.46 -4.03
CA ALA A 302 -26.08 -15.35 -2.87
C ALA A 302 -25.88 -14.49 -1.65
N LEU A 303 -26.67 -14.69 -0.62
CA LEU A 303 -26.53 -13.91 0.60
C LEU A 303 -26.29 -14.92 1.70
N THR A 304 -25.08 -15.45 1.70
CA THR A 304 -24.68 -16.47 2.66
C THR A 304 -23.85 -15.89 3.80
N PHE A 305 -23.24 -16.75 4.60
CA PHE A 305 -22.43 -16.33 5.75
C PHE A 305 -20.94 -16.68 5.63
N SER A 306 -20.12 -15.95 6.38
CA SER A 306 -18.68 -16.17 6.44
C SER A 306 -18.42 -15.98 7.93
N TYR A 307 -19.14 -16.77 8.72
CA TYR A 307 -19.09 -16.70 10.17
C TYR A 307 -17.88 -17.36 10.82
N GLY A 308 -17.37 -16.70 11.85
CA GLY A 308 -16.24 -17.21 12.59
C GLY A 308 -16.66 -17.34 14.04
N ARG A 309 -16.75 -16.21 14.72
CA ARG A 309 -17.15 -16.21 16.14
C ARG A 309 -18.53 -16.83 16.26
N ALA A 310 -19.44 -16.41 15.38
CA ALA A 310 -20.82 -16.89 15.31
C ALA A 310 -20.93 -18.39 15.08
N LEU A 311 -19.82 -19.01 14.69
CA LEU A 311 -19.77 -20.43 14.45
C LEU A 311 -18.90 -21.13 15.50
N GLN A 312 -17.99 -20.39 16.11
CA GLN A 312 -17.09 -20.99 17.09
C GLN A 312 -17.38 -20.82 18.57
N ALA A 313 -17.98 -19.70 18.95
CA ALA A 313 -18.29 -19.39 20.35
C ALA A 313 -18.61 -20.57 21.28
N SER A 314 -19.64 -21.33 20.95
CA SER A 314 -20.02 -22.47 21.80
C SER A 314 -19.06 -23.62 21.64
N VAL A 315 -18.53 -23.78 20.42
CA VAL A 315 -17.57 -24.85 20.17
C VAL A 315 -16.41 -24.69 21.13
N LEU A 316 -15.72 -23.56 21.00
CA LEU A 316 -14.59 -23.21 21.84
C LEU A 316 -14.98 -23.28 23.31
N ASN A 317 -16.23 -22.96 23.59
CA ASN A 317 -16.75 -23.00 24.94
C ASN A 317 -16.84 -24.44 25.48
N THR A 318 -17.73 -25.23 24.91
CA THR A 318 -17.93 -26.62 25.34
C THR A 318 -16.69 -27.52 25.27
N TRP A 319 -15.69 -27.08 24.50
CA TRP A 319 -14.44 -27.83 24.34
C TRP A 319 -13.57 -27.69 25.56
N GLN A 320 -13.34 -26.45 25.98
CA GLN A 320 -12.52 -26.14 27.13
C GLN A 320 -11.09 -26.64 27.02
N GLY A 321 -10.64 -26.91 25.80
CA GLY A 321 -9.27 -27.40 25.61
C GLY A 321 -9.13 -28.90 25.91
N LYS A 322 -9.97 -29.40 26.81
CA LYS A 322 -9.97 -30.80 27.19
C LYS A 322 -10.49 -31.66 26.05
N LYS A 323 -9.62 -32.48 25.47
CA LYS A 323 -10.00 -33.34 24.36
C LYS A 323 -11.19 -34.24 24.67
N GLU A 324 -11.45 -34.45 25.95
CA GLU A 324 -12.57 -35.29 26.37
C GLU A 324 -13.87 -34.70 25.82
N ASN A 325 -13.84 -33.41 25.52
CA ASN A 325 -15.02 -32.70 25.02
C ASN A 325 -14.95 -32.40 23.53
N VAL A 326 -13.99 -32.99 22.82
CA VAL A 326 -13.86 -32.73 21.39
C VAL A 326 -15.11 -33.09 20.59
N ALA A 327 -15.58 -34.32 20.71
CA ALA A 327 -16.78 -34.76 19.98
C ALA A 327 -17.98 -33.92 20.34
N LYS A 328 -18.20 -33.75 21.65
CA LYS A 328 -19.31 -32.97 22.16
C LYS A 328 -19.35 -31.60 21.49
N ALA A 329 -18.17 -30.98 21.36
CA ALA A 329 -18.06 -29.66 20.76
C ALA A 329 -18.20 -29.72 19.24
N ARG A 330 -17.82 -30.83 18.65
CA ARG A 330 -17.94 -30.96 17.21
C ARG A 330 -19.42 -30.91 16.83
N GLU A 331 -20.27 -31.48 17.67
CA GLU A 331 -21.72 -31.48 17.45
C GLU A 331 -22.17 -30.01 17.45
N VAL A 332 -21.83 -29.31 18.51
CA VAL A 332 -22.15 -27.89 18.67
C VAL A 332 -21.82 -27.14 17.40
N LEU A 333 -20.70 -27.51 16.78
CA LEU A 333 -20.28 -26.87 15.56
C LEU A 333 -21.35 -27.11 14.50
N LEU A 334 -21.68 -28.37 14.23
CA LEU A 334 -22.69 -28.71 13.21
C LEU A 334 -24.04 -28.09 13.51
N GLN A 335 -24.34 -27.98 14.79
CA GLN A 335 -25.58 -27.38 15.27
C GLN A 335 -25.68 -25.99 14.63
N ARG A 336 -24.63 -25.19 14.82
CA ARG A 336 -24.56 -23.82 14.30
C ARG A 336 -24.38 -23.77 12.79
N ALA A 337 -23.63 -24.72 12.26
CA ALA A 337 -23.41 -24.79 10.83
C ALA A 337 -24.74 -25.08 10.12
N GLU A 338 -25.57 -25.92 10.73
CA GLU A 338 -26.85 -26.26 10.12
C GLU A 338 -27.84 -25.11 10.25
N ALA A 339 -27.82 -24.43 11.38
CA ALA A 339 -28.70 -23.30 11.62
C ALA A 339 -28.50 -22.29 10.50
N ASN A 340 -27.26 -21.91 10.29
CA ASN A 340 -26.92 -20.94 9.27
C ASN A 340 -27.11 -21.47 7.87
N SER A 341 -27.09 -22.79 7.71
CA SER A 341 -27.30 -23.39 6.41
C SER A 341 -28.78 -23.21 6.07
N LEU A 342 -29.67 -23.55 7.01
CA LEU A 342 -31.10 -23.39 6.79
C LEU A 342 -31.42 -21.92 6.68
N ALA A 343 -30.78 -21.10 7.50
CA ALA A 343 -30.98 -19.65 7.48
C ALA A 343 -30.70 -19.12 6.09
N THR A 344 -29.88 -19.85 5.35
CA THR A 344 -29.54 -19.52 3.98
C THR A 344 -30.84 -19.56 3.16
N TYR A 345 -31.65 -20.59 3.40
CA TYR A 345 -32.91 -20.77 2.70
C TYR A 345 -34.06 -20.09 3.41
N GLY A 346 -33.75 -19.30 4.43
CA GLY A 346 -34.81 -18.64 5.17
C GLY A 346 -35.59 -19.69 5.94
N LYS A 347 -34.98 -20.85 6.15
CA LYS A 347 -35.58 -21.98 6.85
C LYS A 347 -35.14 -22.22 8.30
N TYR A 348 -34.42 -21.27 8.88
CA TYR A 348 -33.97 -21.46 10.26
C TYR A 348 -34.98 -20.92 11.25
N LYS A 349 -35.61 -21.83 11.98
CA LYS A 349 -36.55 -21.43 13.02
C LYS A 349 -35.68 -21.46 14.28
N GLY A 350 -35.61 -20.33 14.98
CA GLY A 350 -34.79 -20.23 16.18
C GLY A 350 -34.87 -21.41 17.12
N GLY A 351 -33.77 -22.15 17.24
CA GLY A 351 -33.76 -23.31 18.10
C GLY A 351 -32.40 -23.95 18.30
N ALA A 352 -31.55 -23.89 17.28
CA ALA A 352 -30.21 -24.46 17.38
C ALA A 352 -29.41 -23.58 18.32
N GLY A 353 -29.62 -23.75 19.62
CA GLY A 353 -28.93 -22.92 20.60
C GLY A 353 -29.60 -21.56 20.68
N GLY A 354 -29.25 -20.78 21.70
CA GLY A 354 -29.82 -19.46 21.87
C GLY A 354 -28.78 -18.36 21.92
N LEU B 13 -0.78 17.17 13.52
CA LEU B 13 0.69 16.93 13.56
C LEU B 13 1.27 17.83 14.65
N PRO B 14 2.06 17.25 15.56
CA PRO B 14 2.66 18.02 16.65
C PRO B 14 3.41 19.27 16.18
N ALA B 15 3.18 20.37 16.88
CA ALA B 15 3.81 21.65 16.55
C ALA B 15 5.34 21.52 16.45
N ASP B 16 5.90 20.63 17.27
CA ASP B 16 7.33 20.42 17.27
C ASP B 16 7.80 19.73 15.99
N VAL B 17 7.20 18.59 15.67
CA VAL B 17 7.58 17.87 14.47
C VAL B 17 7.27 18.73 13.24
N ALA B 18 6.15 19.43 13.26
CA ALA B 18 5.78 20.30 12.15
C ALA B 18 6.90 21.31 11.89
N GLU B 19 7.32 21.99 12.96
CA GLU B 19 8.39 22.99 12.87
C GLU B 19 9.66 22.37 12.32
N GLU B 20 10.00 21.17 12.81
CA GLU B 20 11.20 20.49 12.36
C GLU B 20 11.13 20.20 10.85
N LEU B 21 10.04 19.55 10.42
CA LEU B 21 9.83 19.22 9.03
C LEU B 21 10.01 20.47 8.18
N ALA B 22 9.34 21.55 8.59
CA ALA B 22 9.40 22.82 7.89
C ALA B 22 10.84 23.30 7.78
N THR B 23 11.56 23.24 8.91
CA THR B 23 12.95 23.66 8.98
C THR B 23 13.85 22.91 8.00
N THR B 24 13.93 21.59 8.14
CA THR B 24 14.78 20.79 7.26
C THR B 24 14.37 20.84 5.82
N ALA B 25 13.08 21.02 5.57
CA ALA B 25 12.62 21.10 4.19
C ALA B 25 13.21 22.36 3.58
N GLN B 26 13.19 23.45 4.35
CA GLN B 26 13.73 24.71 3.86
C GLN B 26 15.24 24.74 3.79
N LYS B 27 15.88 24.00 4.69
CA LYS B 27 17.33 23.92 4.76
C LYS B 27 17.85 23.09 3.59
N LEU B 28 17.08 22.08 3.24
CA LEU B 28 17.38 21.14 2.17
C LEU B 28 17.41 21.78 0.79
N VAL B 29 16.90 22.99 0.67
CA VAL B 29 16.90 23.67 -0.62
C VAL B 29 17.35 25.13 -0.45
N GLN B 30 18.31 25.33 0.44
CA GLN B 30 18.80 26.68 0.69
C GLN B 30 19.51 27.22 -0.54
N ALA B 31 19.58 28.54 -0.63
CA ALA B 31 20.20 29.22 -1.76
C ALA B 31 21.52 28.63 -2.23
N GLY B 32 21.54 28.23 -3.49
CA GLY B 32 22.75 27.68 -4.08
C GLY B 32 23.03 26.21 -3.87
N LYS B 33 22.28 25.54 -3.00
CA LYS B 33 22.53 24.13 -2.76
C LYS B 33 21.46 23.21 -3.34
N GLY B 34 21.87 22.00 -3.71
CA GLY B 34 20.97 21.00 -4.25
C GLY B 34 21.16 19.71 -3.46
N ILE B 35 20.51 18.63 -3.88
CA ILE B 35 20.62 17.35 -3.18
C ILE B 35 21.33 16.30 -4.02
N LEU B 36 22.26 15.57 -3.40
CA LEU B 36 23.02 14.51 -4.05
C LEU B 36 22.34 13.18 -3.81
N ALA B 37 21.96 12.51 -4.89
CA ALA B 37 21.30 11.22 -4.78
C ALA B 37 22.30 10.09 -4.94
N ALA B 38 22.63 9.44 -3.83
CA ALA B 38 23.57 8.31 -3.84
C ALA B 38 22.89 7.16 -3.10
N ASP B 39 21.59 7.00 -3.37
CA ASP B 39 20.78 5.96 -2.77
C ASP B 39 20.65 4.71 -3.64
N GLU B 40 21.50 4.59 -4.66
CA GLU B 40 21.47 3.46 -5.56
C GLU B 40 21.48 2.09 -4.89
N SER B 41 20.50 1.27 -5.25
CA SER B 41 20.39 -0.06 -4.70
C SER B 41 21.49 -0.95 -5.27
N THR B 42 21.81 -2.03 -4.56
CA THR B 42 22.85 -2.97 -4.95
C THR B 42 22.79 -3.36 -6.42
N GLN B 43 21.58 -3.41 -6.97
CA GLN B 43 21.39 -3.78 -8.36
C GLN B 43 21.70 -2.61 -9.29
N THR B 44 21.08 -1.46 -9.03
CA THR B 44 21.31 -0.28 -9.87
C THR B 44 22.76 0.16 -9.88
N ILE B 45 23.38 0.20 -8.71
CA ILE B 45 24.78 0.61 -8.61
C ILE B 45 25.64 -0.36 -9.41
N LYS B 46 25.24 -1.62 -9.44
CA LYS B 46 25.99 -2.61 -10.20
C LYS B 46 26.08 -2.11 -11.63
N LYS B 47 24.95 -1.67 -12.16
CA LYS B 47 24.88 -1.14 -13.53
C LYS B 47 25.89 0.00 -13.68
N ARG B 48 25.85 0.95 -12.75
CA ARG B 48 26.76 2.11 -12.77
C ARG B 48 28.22 1.64 -12.80
N PHE B 49 28.56 0.75 -11.86
CA PHE B 49 29.90 0.22 -11.75
C PHE B 49 30.35 -0.55 -12.99
N ASP B 50 29.43 -1.30 -13.58
CA ASP B 50 29.74 -2.09 -14.77
C ASP B 50 30.35 -1.21 -15.86
N ASN B 51 29.87 0.02 -15.97
CA ASN B 51 30.36 0.96 -16.96
C ASN B 51 31.86 1.20 -16.83
N ILE B 52 32.35 1.32 -15.60
CA ILE B 52 33.77 1.53 -15.37
C ILE B 52 34.40 0.17 -15.07
N LYS B 53 33.68 -0.89 -15.43
CA LYS B 53 34.15 -2.25 -15.21
C LYS B 53 34.67 -2.48 -13.80
N LEU B 54 33.92 -2.02 -12.81
CA LEU B 54 34.30 -2.20 -11.43
C LEU B 54 33.42 -3.28 -10.80
N GLU B 55 34.01 -4.08 -9.91
CA GLU B 55 33.29 -5.15 -9.25
C GLU B 55 32.33 -4.62 -8.20
N ASN B 56 31.09 -5.09 -8.24
CA ASN B 56 30.06 -4.65 -7.30
C ASN B 56 30.28 -5.24 -5.91
N THR B 57 31.47 -5.05 -5.35
CA THR B 57 31.75 -5.57 -4.03
C THR B 57 31.27 -4.56 -2.99
N ILE B 58 31.19 -5.01 -1.74
CA ILE B 58 30.76 -4.15 -0.64
C ILE B 58 31.82 -3.08 -0.40
N GLU B 59 33.07 -3.48 -0.57
CA GLU B 59 34.22 -2.60 -0.37
C GLU B 59 34.23 -1.49 -1.42
N ASN B 60 34.00 -1.88 -2.68
CA ASN B 60 33.99 -0.93 -3.79
C ASN B 60 32.94 0.14 -3.61
N ARG B 61 31.73 -0.27 -3.25
CA ARG B 61 30.65 0.68 -3.02
C ARG B 61 31.06 1.58 -1.86
N ALA B 62 31.58 0.96 -0.80
CA ALA B 62 32.01 1.69 0.39
C ALA B 62 33.03 2.76 0.03
N SER B 63 33.97 2.42 -0.84
CA SER B 63 34.98 3.37 -1.27
C SER B 63 34.33 4.48 -2.09
N TYR B 64 33.38 4.11 -2.94
CA TYR B 64 32.69 5.08 -3.80
C TYR B 64 31.83 6.07 -3.02
N ARG B 65 31.02 5.56 -2.11
CA ARG B 65 30.16 6.42 -1.30
C ARG B 65 31.08 7.31 -0.48
N ASP B 66 32.11 6.70 0.09
CA ASP B 66 33.11 7.39 0.90
C ASP B 66 33.77 8.50 0.09
N LEU B 67 34.08 8.22 -1.16
CA LEU B 67 34.71 9.18 -2.05
C LEU B 67 33.79 10.38 -2.23
N LEU B 68 32.50 10.12 -2.42
CA LEU B 68 31.52 11.17 -2.61
C LEU B 68 31.33 12.03 -1.36
N PHE B 69 30.95 11.38 -0.26
CA PHE B 69 30.69 12.07 0.99
C PHE B 69 31.92 12.57 1.74
N GLY B 70 33.10 12.31 1.18
CA GLY B 70 34.33 12.77 1.81
C GLY B 70 34.82 14.06 1.20
N THR B 71 34.45 14.29 -0.07
CA THR B 71 34.83 15.49 -0.84
C THR B 71 34.81 16.78 -0.01
N LYS B 72 35.97 17.17 0.52
CA LYS B 72 36.05 18.38 1.32
C LYS B 72 35.60 19.57 0.49
N GLY B 73 34.60 20.28 1.00
CA GLY B 73 34.07 21.43 0.29
C GLY B 73 32.72 21.15 -0.36
N LEU B 74 32.32 19.88 -0.37
CA LEU B 74 31.07 19.45 -0.96
C LEU B 74 29.85 20.15 -0.36
N GLY B 75 29.90 20.41 0.94
CA GLY B 75 28.78 21.04 1.62
C GLY B 75 28.28 22.37 1.07
N LYS B 76 29.10 23.08 0.31
CA LYS B 76 28.67 24.36 -0.23
C LYS B 76 27.75 24.19 -1.43
N PHE B 77 27.88 23.06 -2.12
CA PHE B 77 27.05 22.82 -3.29
C PHE B 77 26.01 21.77 -3.02
N ILE B 78 26.09 21.11 -1.87
CA ILE B 78 25.17 20.06 -1.52
C ILE B 78 24.53 20.28 -0.16
N SER B 79 23.21 20.30 -0.15
CA SER B 79 22.43 20.50 1.07
C SER B 79 22.21 19.17 1.78
N GLY B 80 21.90 18.14 1.00
CA GLY B 80 21.66 16.82 1.55
C GLY B 80 21.99 15.74 0.54
N ALA B 81 22.19 14.52 1.02
CA ALA B 81 22.51 13.41 0.15
C ALA B 81 21.59 12.23 0.46
N ILE B 82 20.88 11.76 -0.57
CA ILE B 82 19.96 10.64 -0.41
C ILE B 82 20.79 9.35 -0.37
N LEU B 83 20.74 8.67 0.77
CA LEU B 83 21.49 7.43 0.95
C LEU B 83 20.60 6.21 0.79
N PHE B 84 21.25 5.07 0.54
CA PHE B 84 20.59 3.79 0.43
C PHE B 84 20.70 3.23 1.85
N GLU B 85 19.83 2.29 2.23
CA GLU B 85 19.87 1.74 3.58
C GLU B 85 21.28 1.36 4.01
N GLU B 86 21.91 0.48 3.24
CA GLU B 86 23.28 0.02 3.52
C GLU B 86 24.19 1.19 3.91
N THR B 87 24.39 2.11 2.96
CA THR B 87 25.24 3.26 3.17
C THR B 87 24.86 4.08 4.39
N LEU B 88 23.58 4.05 4.76
CA LEU B 88 23.13 4.81 5.92
C LEU B 88 23.67 4.20 7.22
N PHE B 89 23.92 2.90 7.21
CA PHE B 89 24.43 2.23 8.40
C PHE B 89 25.90 1.79 8.34
N GLN B 90 26.53 1.94 7.18
CA GLN B 90 27.92 1.53 7.05
C GLN B 90 28.97 2.58 7.36
N LYS B 91 30.22 2.15 7.34
CA LYS B 91 31.36 3.02 7.59
C LYS B 91 32.28 2.83 6.40
N ASN B 92 33.35 3.62 6.35
CA ASN B 92 34.33 3.50 5.29
C ASN B 92 35.45 2.59 5.81
N GLU B 93 36.43 2.30 4.97
CA GLU B 93 37.54 1.43 5.35
C GLU B 93 38.17 1.80 6.70
N ALA B 94 38.32 3.09 6.96
CA ALA B 94 38.92 3.59 8.20
C ALA B 94 37.99 3.63 9.41
N GLY B 95 36.87 2.92 9.33
CA GLY B 95 35.92 2.87 10.43
C GLY B 95 35.04 4.09 10.62
N VAL B 96 35.17 5.10 9.75
CA VAL B 96 34.37 6.31 9.86
C VAL B 96 32.97 6.06 9.29
N PRO B 97 31.92 6.27 10.11
CA PRO B 97 30.52 6.05 9.70
C PRO B 97 30.19 7.03 8.59
N MET B 98 29.59 6.53 7.52
CA MET B 98 29.24 7.36 6.36
C MET B 98 28.47 8.64 6.72
N VAL B 99 27.51 8.54 7.64
CA VAL B 99 26.77 9.73 8.04
C VAL B 99 27.71 10.79 8.57
N ASN B 100 28.77 10.35 9.25
CA ASN B 100 29.76 11.26 9.82
C ASN B 100 30.51 12.04 8.75
N LEU B 101 30.78 11.42 7.61
CA LEU B 101 31.47 12.10 6.52
C LEU B 101 30.59 13.27 6.08
N LEU B 102 29.28 13.03 6.09
CA LEU B 102 28.29 14.03 5.71
C LEU B 102 28.27 15.17 6.72
N HIS B 103 28.11 14.83 7.99
CA HIS B 103 28.10 15.82 9.05
C HIS B 103 29.33 16.72 8.91
N ASN B 104 30.48 16.09 8.65
CA ASN B 104 31.74 16.82 8.47
C ASN B 104 31.54 17.97 7.50
N GLU B 105 30.98 17.66 6.33
CA GLU B 105 30.75 18.67 5.31
C GLU B 105 29.37 19.33 5.42
N ASN B 106 28.74 19.18 6.58
CA ASN B 106 27.43 19.77 6.86
C ASN B 106 26.29 19.35 5.93
N ILE B 107 26.39 18.13 5.39
CA ILE B 107 25.37 17.61 4.49
C ILE B 107 24.29 16.82 5.25
N ILE B 108 23.03 17.00 4.85
CA ILE B 108 21.91 16.32 5.48
C ILE B 108 21.70 14.92 4.92
N PRO B 109 21.63 13.92 5.81
CA PRO B 109 21.42 12.52 5.45
C PRO B 109 19.97 12.21 5.09
N GLY B 110 19.78 11.62 3.93
CA GLY B 110 18.45 11.27 3.49
C GLY B 110 18.38 9.78 3.27
N ILE B 111 17.17 9.21 3.23
CA ILE B 111 17.04 7.78 3.03
C ILE B 111 15.91 7.40 2.08
N LYS B 112 16.20 6.51 1.14
CA LYS B 112 15.20 6.03 0.18
C LYS B 112 14.40 4.98 0.92
N VAL B 113 13.11 5.22 1.07
CA VAL B 113 12.21 4.31 1.80
C VAL B 113 11.30 3.40 0.97
N ASP B 114 11.34 3.50 -0.35
CA ASP B 114 10.47 2.68 -1.20
C ASP B 114 11.03 1.30 -1.50
N LYS B 115 10.24 0.27 -1.24
CA LYS B 115 10.65 -1.10 -1.47
C LYS B 115 10.53 -1.58 -2.90
N GLY B 116 10.66 -0.66 -3.86
CA GLY B 116 10.62 -1.06 -5.25
C GLY B 116 9.34 -0.99 -6.08
N LEU B 117 9.54 -0.95 -7.39
CA LEU B 117 8.43 -0.88 -8.35
C LEU B 117 7.87 -2.25 -8.64
N VAL B 118 6.56 -2.32 -8.85
CA VAL B 118 5.86 -3.55 -9.21
C VAL B 118 4.83 -3.13 -10.24
N ASN B 119 4.27 -4.11 -10.94
CA ASN B 119 3.29 -3.81 -11.95
C ASN B 119 1.89 -3.71 -11.40
N ILE B 120 1.06 -2.90 -12.06
CA ILE B 120 -0.32 -2.76 -11.67
C ILE B 120 -1.06 -3.79 -12.52
N PRO B 121 -1.78 -4.72 -11.87
CA PRO B 121 -2.50 -5.74 -12.64
C PRO B 121 -3.56 -5.05 -13.48
N CYS B 122 -3.67 -5.44 -14.74
CA CYS B 122 -4.67 -4.84 -15.61
C CYS B 122 -4.33 -3.44 -16.12
N THR B 123 -3.05 -3.25 -16.44
CA THR B 123 -2.51 -2.03 -17.03
C THR B 123 -1.35 -2.56 -17.87
N ASP B 124 -1.01 -1.87 -18.95
CA ASP B 124 0.09 -2.35 -19.77
C ASP B 124 1.42 -2.10 -19.08
N GLU B 125 1.74 -2.98 -18.13
CA GLU B 125 2.97 -2.90 -17.37
C GLU B 125 3.31 -1.51 -16.85
N GLU B 126 2.45 -1.01 -15.97
CA GLU B 126 2.63 0.29 -15.36
C GLU B 126 2.95 0.03 -13.90
N LYS B 127 3.83 0.82 -13.33
CA LYS B 127 4.26 0.55 -11.97
C LYS B 127 3.46 1.00 -10.75
N SER B 128 3.80 0.37 -9.63
CA SER B 128 3.20 0.59 -8.33
C SER B 128 4.40 0.47 -7.40
N THR B 129 4.60 1.47 -6.55
CA THR B 129 5.74 1.48 -5.65
C THR B 129 5.46 0.88 -4.28
N GLN B 130 6.15 -0.21 -3.97
CA GLN B 130 6.01 -0.91 -2.69
C GLN B 130 6.64 -0.08 -1.56
N GLY B 131 6.29 -0.40 -0.31
CA GLY B 131 6.88 0.31 0.81
C GLY B 131 6.06 0.48 2.09
N LEU B 132 4.83 0.95 1.95
CA LEU B 132 3.96 1.23 3.10
C LEU B 132 3.90 0.21 4.21
N ASP B 133 4.20 -1.05 3.92
CA ASP B 133 4.18 -2.05 4.99
C ASP B 133 5.47 -1.87 5.77
N GLY B 134 5.34 -1.48 7.03
CA GLY B 134 6.50 -1.27 7.87
C GLY B 134 7.01 0.15 7.88
N LEU B 135 7.00 0.81 6.72
CA LEU B 135 7.49 2.19 6.59
C LEU B 135 7.54 3.06 7.85
N ALA B 136 6.55 2.95 8.72
CA ALA B 136 6.53 3.74 9.95
C ALA B 136 7.69 3.37 10.87
N GLU B 137 7.82 2.07 11.13
CA GLU B 137 8.87 1.56 12.02
C GLU B 137 10.21 1.89 11.37
N ARG B 138 10.37 1.52 10.11
CA ARG B 138 11.60 1.77 9.37
C ARG B 138 12.00 3.24 9.46
N CYS B 139 11.01 4.13 9.39
CA CYS B 139 11.27 5.55 9.46
C CYS B 139 11.94 5.87 10.79
N LYS B 140 11.45 5.30 11.89
CA LYS B 140 12.05 5.52 13.21
C LYS B 140 13.48 4.99 13.21
N GLU B 141 13.64 3.75 12.74
CA GLU B 141 14.93 3.08 12.63
C GLU B 141 15.92 4.04 11.96
N TYR B 142 15.47 4.63 10.86
CA TYR B 142 16.27 5.56 10.09
C TYR B 142 16.53 6.91 10.76
N TYR B 143 15.52 7.45 11.43
CA TYR B 143 15.66 8.74 12.11
C TYR B 143 16.77 8.63 13.12
N LYS B 144 16.77 7.54 13.88
CA LYS B 144 17.78 7.29 14.89
C LYS B 144 19.16 7.21 14.23
N ALA B 145 19.24 6.46 13.14
CA ALA B 145 20.47 6.29 12.39
C ALA B 145 20.91 7.57 11.68
N GLY B 146 20.20 8.66 11.96
CA GLY B 146 20.55 9.94 11.37
C GLY B 146 19.96 10.30 10.03
N ALA B 147 18.80 9.74 9.70
CA ALA B 147 18.15 10.07 8.45
C ALA B 147 17.20 11.20 8.79
N ARG B 148 17.28 12.30 8.04
CA ARG B 148 16.39 13.44 8.30
C ARG B 148 15.24 13.60 7.31
N PHE B 149 15.48 13.25 6.05
CA PHE B 149 14.45 13.29 5.01
C PHE B 149 14.42 11.92 4.32
N ALA B 150 13.36 11.66 3.56
CA ALA B 150 13.23 10.37 2.88
C ALA B 150 12.89 10.53 1.40
N LYS B 151 12.93 9.43 0.67
CA LYS B 151 12.64 9.41 -0.76
C LYS B 151 11.78 8.21 -1.15
N TRP B 152 10.88 8.44 -2.11
CA TRP B 152 9.96 7.43 -2.65
C TRP B 152 9.84 7.76 -4.14
N ARG B 153 10.08 6.78 -4.99
CA ARG B 153 10.00 7.03 -6.43
C ARG B 153 8.91 6.28 -7.19
N THR B 154 8.13 7.03 -7.93
CA THR B 154 7.06 6.46 -8.72
C THR B 154 7.41 6.68 -10.18
N VAL B 155 7.00 5.75 -11.03
CA VAL B 155 7.28 5.86 -12.44
C VAL B 155 6.04 5.83 -13.28
N LEU B 156 5.85 6.91 -14.01
CA LEU B 156 4.73 7.05 -14.91
C LEU B 156 5.35 7.04 -16.29
N VAL B 157 4.55 6.76 -17.32
CA VAL B 157 5.05 6.71 -18.68
C VAL B 157 4.06 7.40 -19.61
N ILE B 158 4.59 8.06 -20.63
CA ILE B 158 3.75 8.75 -21.61
C ILE B 158 3.68 7.90 -22.88
N ASP B 159 2.47 7.55 -23.30
CA ASP B 159 2.28 6.76 -24.50
C ASP B 159 0.90 7.07 -25.03
N THR B 160 0.79 8.22 -25.70
CA THR B 160 -0.46 8.71 -26.28
C THR B 160 -1.24 7.61 -26.97
N ALA B 161 -0.56 6.83 -27.80
CA ALA B 161 -1.18 5.74 -28.53
C ALA B 161 -1.89 4.74 -27.61
N LYS B 162 -1.17 4.24 -26.61
CA LYS B 162 -1.73 3.26 -25.67
C LYS B 162 -2.41 3.96 -24.50
N GLY B 163 -2.63 5.26 -24.64
CA GLY B 163 -3.29 6.03 -23.59
C GLY B 163 -2.59 6.07 -22.25
N LYS B 164 -1.26 6.16 -22.26
CA LYS B 164 -0.51 6.22 -21.03
C LYS B 164 -0.06 7.65 -20.78
N PRO B 165 0.02 8.07 -19.51
CA PRO B 165 -0.28 7.27 -18.32
C PRO B 165 -1.79 7.15 -18.05
N THR B 166 -2.24 5.93 -17.79
CA THR B 166 -3.66 5.69 -17.51
C THR B 166 -4.04 6.33 -16.18
N ASP B 167 -5.34 6.54 -16.00
CA ASP B 167 -5.83 7.15 -14.78
C ASP B 167 -5.44 6.27 -13.60
N LEU B 168 -5.42 4.95 -13.81
CA LEU B 168 -5.06 4.01 -12.75
C LEU B 168 -3.63 4.26 -12.30
N SER B 169 -2.74 4.54 -13.25
CA SER B 169 -1.35 4.84 -12.93
C SER B 169 -1.35 6.14 -12.11
N ILE B 170 -1.76 7.22 -12.75
CA ILE B 170 -1.81 8.53 -12.12
C ILE B 170 -2.47 8.48 -10.72
N HIS B 171 -3.52 7.68 -10.58
CA HIS B 171 -4.21 7.55 -9.31
C HIS B 171 -3.36 6.81 -8.29
N GLU B 172 -2.92 5.60 -8.65
CA GLU B 172 -2.09 4.78 -7.78
C GLU B 172 -0.88 5.60 -7.34
N THR B 173 -0.27 6.31 -8.27
CA THR B 173 0.88 7.15 -8.01
C THR B 173 0.52 8.17 -6.93
N ALA B 174 -0.52 8.94 -7.19
CA ALA B 174 -0.95 9.97 -6.27
C ALA B 174 -1.21 9.46 -4.86
N TRP B 175 -2.00 8.40 -4.75
CA TRP B 175 -2.33 7.84 -3.45
C TRP B 175 -1.15 7.21 -2.76
N GLY B 176 -0.30 6.52 -3.53
CA GLY B 176 0.89 5.89 -2.98
C GLY B 176 1.76 6.96 -2.32
N LEU B 177 2.17 7.94 -3.11
CA LEU B 177 2.99 9.03 -2.64
C LEU B 177 2.39 9.62 -1.38
N ALA B 178 1.17 10.15 -1.47
CA ALA B 178 0.50 10.78 -0.34
C ALA B 178 0.46 9.91 0.91
N ARG B 179 0.24 8.61 0.72
CA ARG B 179 0.22 7.66 1.84
C ARG B 179 1.59 7.67 2.51
N TYR B 180 2.64 7.52 1.70
CA TYR B 180 4.02 7.52 2.20
C TYR B 180 4.35 8.86 2.86
N ALA B 181 4.19 9.94 2.11
CA ALA B 181 4.46 11.29 2.58
C ALA B 181 3.89 11.61 3.95
N SER B 182 2.69 11.12 4.26
CA SER B 182 2.07 11.38 5.55
C SER B 182 2.73 10.58 6.68
N ILE B 183 3.14 9.35 6.36
CA ILE B 183 3.78 8.48 7.33
C ILE B 183 5.12 9.10 7.69
N CYS B 184 5.89 9.45 6.68
CA CYS B 184 7.19 10.08 6.91
C CYS B 184 7.08 11.28 7.84
N GLN B 185 6.18 12.20 7.52
CA GLN B 185 5.99 13.40 8.32
C GLN B 185 5.62 13.10 9.76
N GLN B 186 4.96 11.97 9.97
CA GLN B 186 4.59 11.58 11.32
C GLN B 186 5.85 11.27 12.11
N ASN B 187 6.82 10.69 11.40
CA ASN B 187 8.09 10.30 11.99
C ASN B 187 9.25 11.24 11.68
N ARG B 188 9.04 12.53 11.92
CA ARG B 188 10.05 13.57 11.72
C ARG B 188 10.85 13.54 10.40
N LEU B 189 10.35 12.82 9.40
CA LEU B 189 11.06 12.71 8.11
C LEU B 189 10.42 13.46 6.92
N VAL B 190 11.10 14.49 6.43
CA VAL B 190 10.63 15.26 5.28
C VAL B 190 10.52 14.34 4.09
N PRO B 191 9.34 14.27 3.45
CA PRO B 191 9.19 13.39 2.29
C PRO B 191 9.41 14.06 0.96
N ILE B 192 10.19 13.42 0.11
CA ILE B 192 10.40 13.94 -1.24
C ILE B 192 9.47 13.15 -2.16
N VAL B 193 8.34 13.79 -2.46
CA VAL B 193 7.29 13.24 -3.32
C VAL B 193 7.82 13.15 -4.74
N GLU B 194 8.22 11.96 -5.18
CA GLU B 194 8.76 11.82 -6.53
C GLU B 194 7.89 11.24 -7.65
N PRO B 195 7.13 12.09 -8.37
CA PRO B 195 6.28 11.61 -9.47
C PRO B 195 7.04 11.67 -10.81
N GLU B 196 7.89 10.68 -11.07
CA GLU B 196 8.65 10.68 -12.32
C GLU B 196 7.91 10.18 -13.55
N ILE B 197 7.88 11.02 -14.58
CA ILE B 197 7.25 10.67 -15.85
C ILE B 197 8.41 10.43 -16.83
N LEU B 198 8.60 9.18 -17.24
CA LEU B 198 9.68 8.86 -18.15
C LEU B 198 9.55 9.54 -19.51
N ALA B 199 10.63 10.23 -19.91
CA ALA B 199 10.68 10.96 -21.18
C ALA B 199 10.70 10.02 -22.37
N ASP B 200 10.61 8.73 -22.10
CA ASP B 200 10.61 7.71 -23.13
C ASP B 200 9.44 7.93 -24.09
N GLY B 201 9.67 7.57 -25.35
CA GLY B 201 8.63 7.72 -26.35
C GLY B 201 8.84 8.97 -27.20
N PRO B 202 8.15 9.08 -28.35
CA PRO B 202 8.26 10.22 -29.25
C PRO B 202 7.38 11.42 -28.89
N HIS B 203 6.77 11.40 -27.69
CA HIS B 203 5.90 12.48 -27.26
C HIS B 203 6.62 13.83 -27.32
N SER B 204 5.90 14.88 -27.72
CA SER B 204 6.50 16.21 -27.80
C SER B 204 6.62 16.84 -26.42
N ILE B 205 7.39 17.90 -26.32
CA ILE B 205 7.56 18.61 -25.05
C ILE B 205 6.24 19.22 -24.61
N GLU B 206 5.38 19.56 -25.57
CA GLU B 206 4.07 20.15 -25.27
C GLU B 206 3.24 19.10 -24.53
N VAL B 207 3.28 17.86 -25.02
CA VAL B 207 2.55 16.78 -24.39
C VAL B 207 3.14 16.50 -23.01
N CYS B 208 4.46 16.59 -22.88
CA CYS B 208 5.10 16.35 -21.58
C CYS B 208 4.58 17.36 -20.57
N ALA B 209 4.43 18.61 -21.00
CA ALA B 209 3.93 19.67 -20.13
C ALA B 209 2.51 19.34 -19.67
N VAL B 210 1.67 19.00 -20.64
CA VAL B 210 0.28 18.66 -20.36
C VAL B 210 0.16 17.51 -19.37
N VAL B 211 0.81 16.40 -19.69
CA VAL B 211 0.77 15.22 -18.84
C VAL B 211 1.32 15.51 -17.44
N THR B 212 2.44 16.23 -17.40
CA THR B 212 3.07 16.59 -16.12
C THR B 212 2.12 17.45 -15.30
N GLN B 213 1.51 18.43 -15.95
CA GLN B 213 0.56 19.32 -15.29
C GLN B 213 -0.53 18.49 -14.64
N LYS B 214 -1.07 17.55 -15.41
CA LYS B 214 -2.13 16.65 -14.95
C LYS B 214 -1.66 15.89 -13.71
N VAL B 215 -0.58 15.17 -13.87
CA VAL B 215 0.01 14.35 -12.82
C VAL B 215 0.24 15.09 -11.51
N LEU B 216 0.85 16.27 -11.60
CA LEU B 216 1.11 17.08 -10.42
C LEU B 216 -0.19 17.46 -9.75
N SER B 217 -1.14 17.95 -10.53
CA SER B 217 -2.45 18.36 -10.03
C SER B 217 -3.07 17.23 -9.21
N CYS B 218 -3.04 16.02 -9.75
CA CYS B 218 -3.58 14.87 -9.07
C CYS B 218 -2.78 14.56 -7.79
N VAL B 219 -1.45 14.66 -7.86
CA VAL B 219 -0.61 14.38 -6.69
C VAL B 219 -0.90 15.32 -5.53
N PHE B 220 -0.76 16.62 -5.76
CA PHE B 220 -1.01 17.59 -4.70
C PHE B 220 -2.41 17.46 -4.10
N LYS B 221 -3.34 16.97 -4.92
CA LYS B 221 -4.71 16.77 -4.43
C LYS B 221 -4.73 15.63 -3.42
N ALA B 222 -4.04 14.54 -3.73
CA ALA B 222 -3.97 13.40 -2.82
C ALA B 222 -3.24 13.80 -1.55
N LEU B 223 -2.19 14.60 -1.70
CA LEU B 223 -1.41 15.10 -0.56
C LEU B 223 -2.36 15.82 0.38
N GLN B 224 -3.22 16.66 -0.19
CA GLN B 224 -4.21 17.40 0.57
C GLN B 224 -5.13 16.39 1.27
N GLU B 225 -5.70 15.48 0.49
CA GLU B 225 -6.60 14.48 1.04
C GLU B 225 -6.02 13.69 2.21
N ASN B 226 -4.72 13.47 2.20
CA ASN B 226 -4.07 12.71 3.26
C ASN B 226 -3.53 13.54 4.41
N GLY B 227 -3.39 14.83 4.19
CA GLY B 227 -2.91 15.71 5.24
C GLY B 227 -1.41 15.91 5.29
N VAL B 228 -0.79 15.90 4.12
CA VAL B 228 0.65 16.07 4.00
C VAL B 228 0.99 17.55 4.12
N LEU B 229 1.62 17.93 5.22
CA LEU B 229 2.02 19.32 5.47
C LEU B 229 2.97 19.73 4.37
N LEU B 230 2.48 20.49 3.40
CA LEU B 230 3.31 20.93 2.28
C LEU B 230 4.58 21.64 2.70
N GLU B 231 4.46 22.46 3.73
CA GLU B 231 5.58 23.24 4.25
C GLU B 231 6.72 22.39 4.78
N GLY B 232 6.42 21.13 5.08
CA GLY B 232 7.43 20.22 5.59
C GLY B 232 7.60 19.02 4.65
N ALA B 233 7.68 19.31 3.36
CA ALA B 233 7.84 18.26 2.36
C ALA B 233 8.47 18.87 1.12
N LEU B 234 8.83 18.04 0.15
CA LEU B 234 9.46 18.52 -1.08
C LEU B 234 9.06 17.64 -2.25
N LEU B 235 9.13 18.20 -3.45
CA LEU B 235 8.75 17.49 -4.66
C LEU B 235 9.90 17.32 -5.65
N LYS B 236 10.04 16.11 -6.20
CA LYS B 236 11.10 15.82 -7.17
C LYS B 236 10.46 15.39 -8.50
N PRO B 237 10.01 16.34 -9.32
CA PRO B 237 9.41 15.93 -10.58
C PRO B 237 10.41 15.99 -11.69
N ASN B 238 10.00 15.48 -12.84
CA ASN B 238 10.82 15.51 -14.03
C ASN B 238 10.70 16.93 -14.56
N MET B 239 11.60 17.34 -15.44
CA MET B 239 11.50 18.66 -16.05
C MET B 239 10.62 18.42 -17.27
N VAL B 240 10.09 19.50 -17.85
CA VAL B 240 9.25 19.38 -19.03
C VAL B 240 10.17 19.33 -20.25
N THR B 241 10.35 18.12 -20.78
CA THR B 241 11.21 17.93 -21.93
C THR B 241 10.47 17.09 -22.98
N ALA B 242 11.01 17.02 -24.18
CA ALA B 242 10.39 16.23 -25.25
C ALA B 242 10.73 14.76 -25.06
N GLY B 243 10.11 13.90 -25.84
CA GLY B 243 10.35 12.48 -25.73
C GLY B 243 11.66 12.04 -26.36
N TYR B 244 12.23 10.94 -25.86
CA TYR B 244 13.49 10.41 -26.36
C TYR B 244 13.55 10.22 -27.87
N GLU B 245 12.38 10.10 -28.51
CA GLU B 245 12.33 9.91 -29.95
C GLU B 245 11.83 11.15 -30.72
N CYS B 246 11.39 12.17 -29.99
CA CYS B 246 10.87 13.36 -30.66
C CYS B 246 11.97 14.10 -31.41
N THR B 247 11.99 13.90 -32.73
CA THR B 247 12.96 14.53 -33.63
C THR B 247 12.85 16.05 -33.66
N ALA B 248 11.75 16.57 -33.11
CA ALA B 248 11.52 18.00 -33.05
C ALA B 248 12.58 18.61 -32.16
N LYS B 249 13.49 19.37 -32.78
CA LYS B 249 14.56 20.01 -32.04
C LYS B 249 13.98 21.14 -31.19
N THR B 250 13.91 20.87 -29.89
CA THR B 250 13.39 21.83 -28.94
C THR B 250 14.59 22.48 -28.25
N THR B 251 14.43 23.69 -27.76
CA THR B 251 15.54 24.41 -27.10
C THR B 251 15.45 24.35 -25.57
N THR B 252 16.56 24.64 -24.90
CA THR B 252 16.59 24.65 -23.44
C THR B 252 15.71 25.80 -22.93
N GLN B 253 15.49 26.80 -23.80
CA GLN B 253 14.63 27.94 -23.46
C GLN B 253 13.24 27.38 -23.24
N ASP B 254 12.83 26.51 -24.18
CA ASP B 254 11.51 25.88 -24.14
C ASP B 254 11.37 25.07 -22.87
N VAL B 255 12.35 24.22 -22.60
CA VAL B 255 12.36 23.38 -21.42
C VAL B 255 12.10 24.27 -20.20
N GLY B 256 12.87 25.34 -20.08
CA GLY B 256 12.71 26.26 -18.98
C GLY B 256 11.34 26.92 -18.88
N PHE B 257 10.83 27.41 -19.99
CA PHE B 257 9.51 28.05 -20.00
C PHE B 257 8.44 27.07 -19.57
N LEU B 258 8.20 26.06 -20.40
CA LEU B 258 7.19 25.06 -20.13
C LEU B 258 7.24 24.52 -18.71
N THR B 259 8.43 24.16 -18.25
CA THR B 259 8.58 23.64 -16.89
C THR B 259 8.10 24.63 -15.84
N VAL B 260 8.57 25.87 -15.93
CA VAL B 260 8.17 26.90 -14.99
C VAL B 260 6.67 27.07 -15.03
N ARG B 261 6.10 27.03 -16.23
CA ARG B 261 4.66 27.19 -16.39
C ARG B 261 3.86 26.10 -15.69
N THR B 262 4.06 24.85 -16.10
CA THR B 262 3.33 23.74 -15.50
C THR B 262 3.46 23.66 -13.99
N LEU B 263 4.58 24.17 -13.47
CA LEU B 263 4.79 24.19 -12.03
C LEU B 263 3.95 25.30 -11.39
N ARG B 264 3.96 26.49 -11.98
CA ARG B 264 3.19 27.61 -11.45
C ARG B 264 1.70 27.26 -11.50
N ARG B 265 1.33 26.45 -12.49
CA ARG B 265 -0.06 26.02 -12.67
C ARG B 265 -0.48 24.92 -11.71
N THR B 266 0.44 24.31 -10.99
CA THR B 266 0.09 23.22 -10.09
C THR B 266 0.63 23.23 -8.65
N VAL B 267 1.82 23.78 -8.42
CA VAL B 267 2.41 23.78 -7.08
C VAL B 267 2.07 24.95 -6.14
N PRO B 268 1.39 24.67 -5.02
CA PRO B 268 1.04 25.76 -4.10
C PRO B 268 2.33 26.34 -3.52
N PRO B 269 2.36 27.65 -3.25
CA PRO B 269 3.56 28.29 -2.70
C PRO B 269 4.02 27.72 -1.34
N ALA B 270 3.13 27.05 -0.62
CA ALA B 270 3.50 26.48 0.67
C ALA B 270 4.59 25.42 0.55
N LEU B 271 4.78 24.89 -0.65
CA LEU B 271 5.81 23.86 -0.89
C LEU B 271 7.15 24.59 -0.98
N PRO B 272 8.08 24.29 -0.06
CA PRO B 272 9.41 24.89 0.00
C PRO B 272 10.13 24.95 -1.34
N GLY B 273 10.30 23.79 -1.98
CA GLY B 273 10.99 23.79 -3.23
C GLY B 273 10.84 22.52 -4.02
N VAL B 274 11.27 22.60 -5.26
CA VAL B 274 11.19 21.54 -6.23
C VAL B 274 12.61 21.08 -6.50
N VAL B 275 12.90 19.84 -6.15
CA VAL B 275 14.22 19.28 -6.39
C VAL B 275 14.17 18.47 -7.69
N PHE B 276 14.51 19.11 -8.80
CA PHE B 276 14.48 18.46 -10.10
C PHE B 276 15.32 17.18 -10.25
N LEU B 277 14.90 16.33 -11.18
CA LEU B 277 15.57 15.07 -11.46
C LEU B 277 16.11 15.12 -12.89
N SER B 278 17.36 14.68 -13.07
CA SER B 278 18.00 14.66 -14.37
C SER B 278 17.40 13.66 -15.34
N GLY B 279 17.07 12.46 -14.83
CA GLY B 279 16.51 11.43 -15.67
C GLY B 279 17.54 10.92 -16.65
N GLY B 280 17.28 11.12 -17.94
CA GLY B 280 18.22 10.70 -18.95
C GLY B 280 18.95 11.87 -19.58
N GLN B 281 19.02 12.98 -18.87
CA GLN B 281 19.71 14.16 -19.37
C GLN B 281 21.19 14.05 -19.10
N SER B 282 21.99 14.53 -20.04
CA SER B 282 23.44 14.53 -19.90
C SER B 282 23.76 15.53 -18.79
N GLU B 283 24.84 15.27 -18.05
CA GLU B 283 25.25 16.13 -16.95
C GLU B 283 25.12 17.60 -17.32
N GLU B 284 25.67 17.97 -18.47
CA GLU B 284 25.62 19.35 -18.91
C GLU B 284 24.17 19.77 -19.15
N GLU B 285 23.43 18.98 -19.92
CA GLU B 285 22.04 19.30 -20.23
C GLU B 285 21.23 19.58 -18.97
N ALA B 286 21.37 18.72 -17.97
CA ALA B 286 20.66 18.90 -16.71
C ALA B 286 21.04 20.26 -16.11
N SER B 287 22.33 20.60 -16.17
CA SER B 287 22.80 21.87 -15.65
C SER B 287 22.18 23.00 -16.45
N VAL B 288 22.39 22.98 -17.76
CA VAL B 288 21.85 24.01 -18.65
C VAL B 288 20.37 24.22 -18.39
N ASN B 289 19.59 23.15 -18.50
CA ASN B 289 18.17 23.22 -18.25
C ASN B 289 17.85 23.84 -16.90
N LEU B 290 18.39 23.28 -15.83
CA LEU B 290 18.14 23.79 -14.47
C LEU B 290 18.48 25.28 -14.40
N ASN B 291 19.42 25.71 -15.23
CA ASN B 291 19.81 27.11 -15.29
C ASN B 291 18.73 27.89 -16.04
N SER B 292 18.32 27.38 -17.19
CA SER B 292 17.28 28.00 -18.02
C SER B 292 16.01 28.21 -17.20
N ILE B 293 15.77 27.28 -16.27
CA ILE B 293 14.62 27.33 -15.38
C ILE B 293 14.76 28.48 -14.41
N ASN B 294 15.78 28.43 -13.56
CA ASN B 294 16.02 29.49 -12.57
C ASN B 294 16.19 30.86 -13.21
N ALA B 295 16.69 30.88 -14.44
CA ALA B 295 16.90 32.12 -15.17
C ALA B 295 15.60 32.91 -15.32
N LEU B 296 14.47 32.21 -15.27
CA LEU B 296 13.16 32.83 -15.42
C LEU B 296 12.66 33.62 -14.21
N GLY B 297 13.42 34.63 -13.82
CA GLY B 297 13.07 35.49 -12.70
C GLY B 297 12.84 34.75 -11.41
N PRO B 298 12.49 35.49 -10.34
CA PRO B 298 12.24 34.90 -9.02
C PRO B 298 11.00 33.99 -9.09
N HIS B 299 11.04 32.92 -8.31
CA HIS B 299 9.95 31.97 -8.26
C HIS B 299 9.50 31.86 -6.81
N PRO B 300 8.24 31.49 -6.57
CA PRO B 300 7.70 31.36 -5.21
C PRO B 300 8.31 30.21 -4.40
N TRP B 301 8.94 29.27 -5.08
CA TRP B 301 9.57 28.15 -4.40
C TRP B 301 10.99 27.99 -4.94
N ALA B 302 11.78 27.17 -4.28
CA ALA B 302 13.14 26.92 -4.71
C ALA B 302 13.09 25.91 -5.84
N LEU B 303 13.75 26.20 -6.97
CA LEU B 303 13.78 25.27 -8.09
C LEU B 303 15.20 24.73 -8.18
N THR B 304 15.56 23.91 -7.21
CA THR B 304 16.89 23.35 -7.12
C THR B 304 16.98 21.97 -7.77
N PHE B 305 18.05 21.24 -7.48
CA PHE B 305 18.25 19.91 -8.04
C PHE B 305 18.38 18.83 -6.98
N SER B 306 18.19 17.59 -7.44
CA SER B 306 18.32 16.40 -6.60
C SER B 306 18.86 15.40 -7.60
N TYR B 307 20.02 15.72 -8.15
CA TYR B 307 20.65 14.89 -9.16
C TYR B 307 21.40 13.71 -8.55
N GLY B 308 21.64 12.71 -9.38
CA GLY B 308 22.38 11.52 -8.95
C GLY B 308 23.36 11.20 -10.06
N ARG B 309 22.83 10.77 -11.20
CA ARG B 309 23.62 10.40 -12.37
C ARG B 309 24.31 11.64 -12.96
N ALA B 310 23.57 12.72 -13.12
CA ALA B 310 24.12 13.96 -13.67
C ALA B 310 25.17 14.58 -12.75
N LEU B 311 25.39 13.95 -11.61
CA LEU B 311 26.38 14.41 -10.66
C LEU B 311 27.54 13.42 -10.55
N GLN B 312 27.21 12.14 -10.62
CA GLN B 312 28.20 11.08 -10.47
C GLN B 312 28.88 10.56 -11.72
N ALA B 313 28.20 10.61 -12.85
CA ALA B 313 28.74 10.09 -14.10
C ALA B 313 30.26 10.29 -14.30
N SER B 314 30.69 11.54 -14.44
CA SER B 314 32.10 11.84 -14.65
C SER B 314 32.98 11.39 -13.49
N VAL B 315 32.50 11.57 -12.28
CA VAL B 315 33.27 11.17 -11.10
C VAL B 315 33.57 9.69 -11.20
N LEU B 316 32.52 8.87 -11.17
CA LEU B 316 32.64 7.42 -11.24
C LEU B 316 33.50 7.00 -12.45
N ASN B 317 33.36 7.74 -13.54
CA ASN B 317 34.11 7.49 -14.76
C ASN B 317 35.60 7.71 -14.50
N THR B 318 35.97 8.95 -14.23
CA THR B 318 37.35 9.29 -13.96
C THR B 318 37.95 8.48 -12.82
N TRP B 319 37.11 7.94 -11.94
CA TRP B 319 37.59 7.16 -10.80
C TRP B 319 38.06 5.76 -11.20
N GLN B 320 37.29 5.10 -12.06
CA GLN B 320 37.62 3.76 -12.52
C GLN B 320 37.91 2.80 -11.37
N GLY B 321 37.44 3.14 -10.17
CA GLY B 321 37.66 2.30 -9.00
C GLY B 321 39.04 2.48 -8.41
N LYS B 322 40.02 2.70 -9.28
CA LYS B 322 41.40 2.90 -8.88
C LYS B 322 41.49 4.06 -7.92
N LYS B 323 41.80 3.76 -6.66
CA LYS B 323 41.92 4.80 -5.63
C LYS B 323 42.94 5.85 -6.07
N GLU B 324 43.83 5.46 -6.97
CA GLU B 324 44.87 6.34 -7.48
C GLU B 324 44.23 7.59 -8.11
N ASN B 325 42.97 7.47 -8.51
CA ASN B 325 42.24 8.56 -9.14
C ASN B 325 41.19 9.24 -8.25
N VAL B 326 41.20 8.93 -6.95
CA VAL B 326 40.24 9.51 -6.01
C VAL B 326 40.10 11.04 -6.07
N ALA B 327 41.16 11.75 -5.71
CA ALA B 327 41.13 13.22 -5.72
C ALA B 327 40.80 13.76 -7.11
N LYS B 328 41.38 13.15 -8.14
CA LYS B 328 41.14 13.56 -9.52
C LYS B 328 39.63 13.53 -9.76
N ALA B 329 38.98 12.48 -9.27
CA ALA B 329 37.54 12.30 -9.41
C ALA B 329 36.77 13.33 -8.56
N ARG B 330 37.15 13.45 -7.30
CA ARG B 330 36.50 14.39 -6.39
C ARG B 330 36.42 15.80 -6.99
N GLU B 331 37.48 16.20 -7.70
CA GLU B 331 37.53 17.51 -8.34
C GLU B 331 36.37 17.63 -9.32
N VAL B 332 36.16 16.57 -10.09
CA VAL B 332 35.08 16.54 -11.07
C VAL B 332 33.74 16.69 -10.36
N LEU B 333 33.60 16.07 -9.19
CA LEU B 333 32.36 16.19 -8.45
C LEU B 333 32.14 17.67 -8.21
N LEU B 334 33.07 18.31 -7.51
CA LEU B 334 32.95 19.73 -7.21
C LEU B 334 32.78 20.55 -8.50
N GLN B 335 33.30 20.03 -9.59
CA GLN B 335 33.18 20.69 -10.89
C GLN B 335 31.69 20.80 -11.21
N ARG B 336 31.00 19.65 -11.20
CA ARG B 336 29.58 19.58 -11.48
C ARG B 336 28.75 20.22 -10.38
N ALA B 337 28.94 19.74 -9.16
CA ALA B 337 28.22 20.25 -8.00
C ALA B 337 28.19 21.78 -7.98
N GLU B 338 29.27 22.41 -8.46
CA GLU B 338 29.30 23.86 -8.50
C GLU B 338 28.51 24.35 -9.70
N ALA B 339 28.67 23.67 -10.82
CA ALA B 339 27.96 24.02 -12.04
C ALA B 339 26.49 24.26 -11.73
N ASN B 340 25.88 23.25 -11.12
CA ASN B 340 24.47 23.30 -10.76
C ASN B 340 24.16 24.34 -9.70
N SER B 341 25.12 24.58 -8.81
CA SER B 341 24.93 25.58 -7.76
C SER B 341 24.72 26.92 -8.45
N LEU B 342 25.55 27.22 -9.44
CA LEU B 342 25.41 28.46 -10.18
C LEU B 342 24.14 28.42 -11.00
N ALA B 343 23.83 27.24 -11.55
CA ALA B 343 22.62 27.06 -12.35
C ALA B 343 21.43 27.51 -11.52
N THR B 344 21.50 27.23 -10.22
CA THR B 344 20.47 27.60 -9.25
C THR B 344 20.19 29.10 -9.37
N TYR B 345 21.25 29.89 -9.38
CA TYR B 345 21.14 31.35 -9.47
C TYR B 345 20.96 31.79 -10.90
N GLY B 346 20.95 30.84 -11.82
CA GLY B 346 20.83 31.20 -13.22
C GLY B 346 22.15 31.79 -13.71
N LYS B 347 23.22 31.54 -12.96
CA LYS B 347 24.55 32.04 -13.28
C LYS B 347 25.50 31.03 -13.93
N TYR B 348 24.99 29.86 -14.30
CA TYR B 348 25.84 28.85 -14.92
C TYR B 348 26.03 29.07 -16.41
N LYS B 349 27.27 29.36 -16.79
CA LYS B 349 27.60 29.53 -18.20
C LYS B 349 28.21 28.18 -18.59
N GLY B 350 27.60 27.53 -19.58
CA GLY B 350 28.08 26.23 -20.03
C GLY B 350 29.58 26.15 -20.14
N GLY B 351 30.21 25.42 -19.23
CA GLY B 351 31.65 25.30 -19.24
C GLY B 351 32.19 24.18 -18.39
N ALA B 352 31.52 23.90 -17.27
CA ALA B 352 31.95 22.82 -16.38
C ALA B 352 31.65 21.53 -17.12
N GLY B 353 32.57 21.11 -17.96
CA GLY B 353 32.39 19.89 -18.73
C GLY B 353 31.38 20.11 -19.85
N GLY B 354 31.18 19.07 -20.65
CA GLY B 354 30.24 19.16 -21.75
C GLY B 354 29.13 18.12 -21.68
#